data_7EZH
#
_entry.id   7EZH
#
_cell.length_a   1.00
_cell.length_b   1.00
_cell.length_c   1.00
_cell.angle_alpha   90.00
_cell.angle_beta   90.00
_cell.angle_gamma   90.00
#
_symmetry.space_group_name_H-M   'P 1'
#
loop_
_entity.id
_entity.type
_entity.pdbx_description
1 polymer 'Guanine nucleotide-binding protein G(i) subunit alpha-1'
2 polymer 'Guanine nucleotide-binding protein G(I)/G(S)/G(T) subunit beta-1'
3 polymer 'Cholecystokinin receptor type A'
4 polymer 'Guanine nucleotide-binding protein G(I)/G(S)/G(O) subunit gamma-2'
5 polymer scFv16
6 polymer Cholecystokinin-8
#
loop_
_entity_poly.entity_id
_entity_poly.type
_entity_poly.pdbx_seq_one_letter_code
_entity_poly.pdbx_strand_id
1 'polypeptide(L)'
;MGCTLSAEDKAAVERSKMIDRNLREDGEKAAREVKLLLLGAGESGKSTIVKQMKIIHEAGYSEEECKQYKAVVYSNTIQS
IIAIIRAMGRLKIDFGDSARADDARQLFVLAGAAEEGFMTAELAGVIKRLWKDSGVQACFNRSREYQLNDSAAYYLNDLD
RIAQPNYIPTQQDVLRTRVKTTGIVETHFTFKDLHFKMFDVGAQRSERKKWIHCFEGVTAIIFCVALSDYDLVLAEDEEM
NRMHESMKLFDSICNNKWFTDTSIILFLNKKDLFEEKIKKSPLTICYPEYAGSNTYEEAAAYIQCQFEDLNKRKDTKEIY
THFTCSTDTKNVQFVFDAVTDVIIKNNLKDCGLF
;
A
2 'polypeptide(L)'
;MHHHHHHGSLLQSELDQLRQEAEQLKNQIRDARKACADATLSQITNNIDPVGRIQMRTRRTLRGHLAKIYAMHWGTDSRL
LVSASQDGKLIIWDSYTTNKVHAIPLRSSWVMTCAYAPSGNYVACGGLDNICSIYNLKTREGNVRVSRELAGHTGYLSCC
RFLDDNQIVTSSGDTTCALWDIETGQQTTTFTGHTGDVMSLSLAPDTRLFVSGACDASAKLWDVREGMCRQTFTGHESDI
NAICFFPNGNAFATGSDDATCRLFDLRADQELMTYSHDNIICGITSVSFSKSGRLLLAGYDDFNCNVWDALKADRAGVLA
GHDNRVSCLGVTDDGMAVATGSWDSFLKIWN
;
B
3 'polypeptide(L)'
;MDVVDSLLVNGSNITPPCELGLENETLFCLDQPRPSKEWQPAVQILLYSLIFLLSVLGNTLVITVLIRNKRMRTVTNIFL
LSLAVSDLMLCLFCMPFNLIPNLLKDFIFGSAVCKTTTYFMGTSVSVSTFNLVAISLERYGAICKPLQSRVWQTKSHALK
VIAATWCLSFTIMTPYPIYSNLVPFTKNNNQTANMCRFLLPNDVMQQSWHTFLLLILFLIPGIVMMVAYGLISLELYQGI
KFEASQKKSAKERKPSTTSSGKYEDSDGCYLQKTRPPRKLELRQLSTGSSSRANRIRSNSSAANLMAKKRVIRMLIVIVV
LFFLCWMPIFSANAWRAYDTASAERRLSGTPISFILLLSYTSSCVNPIIYCFMNKRFRLGFMATFPCCPNPGPPGARGEV
GEEEEGGTTGASLSRFSYSHMSASVPPQ
;
D
4 'polypeptide(L)' MASNNTASIAQARKLVEQLKMEANIDRIKVSKAAADLMAYCEAHAKEDPLLTPVPASENPFREKKFFCAIL G
5 'polypeptide(L)'
;VQLVESGGGLVQPGGSRKLSCSASGFAFSSFGMHWVRQAPEKGLEWVAYISSGSGTIYYADTVKGRFTISRDDPKNTLFL
QMTSLRSEDTAMYYCVRSIYYYGSSPFDFWGQGTTLTVSAGGGGSGGGGSGGGGSADIVMTQATSSVPVTPGESVSISCR
SSKSLLHSNGNTYLYWFLQRPGQSPQLLIYRMSNLASGVPDRFSGSGSGTAFTLTISRLEAEDVGVYYCMQHLEYPLTFG
AGTKLEL
;
H
6 'polypeptide(L)' D(TYS)MGWMDFF P
#
# COMPACT_ATOMS: atom_id res chain seq x y z
N LEU A 5 -11.51 -18.28 -13.96
CA LEU A 5 -10.76 -19.52 -14.11
C LEU A 5 -9.42 -19.27 -14.78
N SER A 6 -8.45 -20.14 -14.52
CA SER A 6 -7.05 -19.84 -14.75
C SER A 6 -6.32 -21.13 -15.07
N ALA A 7 -5.19 -21.00 -15.78
CA ALA A 7 -4.36 -22.16 -16.08
C ALA A 7 -2.89 -21.90 -15.79
N GLU A 8 -2.26 -21.05 -16.60
CA GLU A 8 -0.96 -20.48 -16.27
C GLU A 8 -1.06 -19.23 -15.41
N ASP A 9 -2.18 -18.50 -15.50
CA ASP A 9 -2.42 -17.35 -14.64
C ASP A 9 -2.33 -17.71 -13.16
N LYS A 10 -2.64 -18.95 -12.79
CA LYS A 10 -2.50 -19.37 -11.39
C LYS A 10 -1.06 -19.26 -10.90
N ALA A 11 -0.07 -19.46 -11.76
CA ALA A 11 1.31 -19.25 -11.34
C ALA A 11 1.65 -17.77 -11.23
N ALA A 12 1.01 -16.92 -12.01
CA ALA A 12 1.14 -15.48 -11.79
C ALA A 12 0.46 -15.02 -10.51
N VAL A 13 -0.63 -15.67 -10.11
CA VAL A 13 -1.21 -15.41 -8.79
C VAL A 13 -0.29 -15.89 -7.66
N GLU A 14 0.32 -17.06 -7.83
CA GLU A 14 1.33 -17.51 -6.88
C GLU A 14 2.49 -16.52 -6.74
N ARG A 15 3.00 -16.03 -7.86
CA ARG A 15 4.01 -14.97 -7.83
C ARG A 15 3.51 -13.70 -7.17
N SER A 16 2.28 -13.27 -7.49
CA SER A 16 1.69 -12.10 -6.88
C SER A 16 1.57 -12.22 -5.36
N LYS A 17 1.16 -13.38 -4.86
CA LYS A 17 1.07 -13.56 -3.42
C LYS A 17 2.43 -13.73 -2.76
N MET A 18 3.42 -14.28 -3.46
CA MET A 18 4.79 -14.26 -2.94
C MET A 18 5.33 -12.85 -2.84
N ILE A 19 5.01 -12.01 -3.82
CA ILE A 19 5.36 -10.60 -3.77
C ILE A 19 4.64 -9.91 -2.62
N ASP A 20 3.33 -10.13 -2.49
CA ASP A 20 2.57 -9.54 -1.39
C ASP A 20 3.13 -9.93 -0.04
N ARG A 21 3.57 -11.19 0.11
CA ARG A 21 4.18 -11.66 1.34
C ARG A 21 5.51 -10.96 1.63
N ASN A 22 6.34 -10.77 0.60
CA ASN A 22 7.58 -10.01 0.77
C ASN A 22 7.31 -8.53 1.08
N LEU A 23 6.37 -7.92 0.37
CA LEU A 23 5.92 -6.57 0.69
C LEU A 23 5.47 -6.44 2.14
N ARG A 24 4.63 -7.35 2.62
CA ARG A 24 4.21 -7.33 4.02
C ARG A 24 5.38 -7.50 4.98
N GLU A 25 6.36 -8.34 4.63
CA GLU A 25 7.53 -8.49 5.48
C GLU A 25 8.39 -7.21 5.54
N ASP A 26 8.55 -6.53 4.41
CA ASP A 26 9.19 -5.22 4.43
C ASP A 26 8.31 -4.13 5.04
N GLY A 27 7.00 -4.32 5.09
CA GLY A 27 6.14 -3.41 5.84
C GLY A 27 6.32 -3.56 7.34
N GLU A 28 6.43 -4.80 7.81
CA GLU A 28 6.85 -5.04 9.19
C GLU A 28 8.20 -4.41 9.48
N LYS A 29 9.21 -4.71 8.66
CA LYS A 29 10.54 -4.15 8.89
C LYS A 29 10.52 -2.62 8.90
N ALA A 30 9.78 -1.99 7.97
CA ALA A 30 9.68 -0.54 7.88
C ALA A 30 8.92 0.08 9.05
N ALA A 31 7.93 -0.61 9.59
CA ALA A 31 7.21 -0.09 10.76
C ALA A 31 7.97 -0.32 12.06
N ARG A 32 8.80 -1.36 12.10
CA ARG A 32 9.61 -1.63 13.28
C ARG A 32 10.73 -0.60 13.43
N GLU A 33 11.41 -0.26 12.33
CA GLU A 33 12.26 0.92 12.33
C GLU A 33 11.47 2.19 12.63
N VAL A 34 12.17 3.16 13.22
CA VAL A 34 11.59 4.44 13.63
C VAL A 34 12.20 5.56 12.79
N LYS A 35 11.35 6.48 12.34
CA LYS A 35 11.72 7.47 11.34
C LYS A 35 11.84 8.85 12.00
N LEU A 36 13.00 9.47 11.83
CA LEU A 36 13.31 10.77 12.42
C LEU A 36 13.66 11.75 11.31
N LEU A 37 12.83 12.78 11.13
CA LEU A 37 13.25 13.93 10.35
C LEU A 37 14.30 14.73 11.10
N LEU A 38 15.32 15.18 10.38
CA LEU A 38 16.34 16.09 10.91
C LEU A 38 16.33 17.40 10.13
N LEU A 39 16.15 18.50 10.86
CA LEU A 39 16.00 19.82 10.26
C LEU A 39 16.86 20.81 11.01
N GLY A 40 17.07 21.96 10.40
CA GLY A 40 17.80 23.06 11.01
C GLY A 40 18.66 23.83 10.04
N ALA A 41 18.86 25.12 10.33
CA ALA A 41 19.75 25.96 9.55
C ALA A 41 21.21 25.59 9.80
N GLY A 42 22.03 25.83 8.79
CA GLY A 42 23.45 25.51 8.84
C GLY A 42 23.81 24.04 8.67
N GLU A 43 24.92 23.79 7.97
CA GLU A 43 25.41 22.42 7.80
C GLU A 43 26.03 21.88 9.08
N SER A 44 26.87 22.70 9.74
CA SER A 44 27.66 22.23 10.87
C SER A 44 26.80 21.86 12.09
N GLY A 45 25.68 22.55 12.27
CA GLY A 45 24.75 22.19 13.33
C GLY A 45 24.19 20.78 13.20
N LYS A 46 23.56 20.48 12.08
CA LYS A 46 23.12 19.11 11.81
C LYS A 46 24.28 18.14 11.86
N SER A 47 25.42 18.51 11.25
CA SER A 47 26.59 17.65 11.21
C SER A 47 27.05 17.23 12.60
N THR A 48 26.98 18.14 13.57
CA THR A 48 27.40 17.83 14.94
C THR A 48 26.59 16.67 15.53
N ILE A 49 25.28 16.71 15.36
CA ILE A 49 24.41 15.64 15.85
C ILE A 49 24.63 14.36 15.05
N VAL A 50 24.66 14.46 13.72
CA VAL A 50 24.94 13.28 12.90
C VAL A 50 26.23 12.59 13.32
N LYS A 51 27.26 13.39 13.62
CA LYS A 51 28.51 12.83 14.16
C LYS A 51 28.28 12.16 15.51
N GLN A 52 27.57 12.85 16.41
CA GLN A 52 27.40 12.32 17.75
C GLN A 52 26.42 11.15 17.84
N MET A 53 25.68 10.85 16.76
CA MET A 53 24.86 9.66 16.75
C MET A 53 25.71 8.41 16.70
N LYS A 54 26.08 7.90 17.88
CA LYS A 54 26.92 6.71 17.97
C LYS A 54 26.12 5.46 17.66
N ILE A 55 26.76 4.52 16.97
CA ILE A 55 26.13 3.24 16.65
C ILE A 55 25.98 2.40 17.91
N THR A 182 23.23 16.20 -3.44
CA THR A 182 23.10 14.80 -3.08
C THR A 182 21.72 14.50 -2.51
N GLY A 183 20.91 15.55 -2.35
CA GLY A 183 19.54 15.36 -1.94
C GLY A 183 19.43 14.92 -0.49
N ILE A 184 18.33 14.20 -0.20
CA ILE A 184 18.14 13.60 1.13
C ILE A 184 19.33 12.74 1.47
N VAL A 185 19.90 12.94 2.66
CA VAL A 185 20.93 12.08 3.22
C VAL A 185 20.35 11.35 4.43
N GLU A 186 20.31 10.03 4.34
CA GLU A 186 19.64 9.17 5.31
C GLU A 186 20.70 8.40 6.09
N THR A 187 20.71 8.58 7.41
CA THR A 187 21.64 7.89 8.30
C THR A 187 20.88 6.86 9.14
N HIS A 188 21.31 5.60 9.06
CA HIS A 188 20.78 4.54 9.88
C HIS A 188 21.71 4.30 11.07
N PHE A 189 21.11 4.15 12.25
CA PHE A 189 21.86 3.71 13.43
C PHE A 189 20.94 2.89 14.31
N THR A 190 21.52 1.88 14.96
CA THR A 190 20.84 1.11 16.00
C THR A 190 21.32 1.54 17.37
N PHE A 191 20.39 1.85 18.26
CA PHE A 191 20.68 2.12 19.66
C PHE A 191 19.68 1.40 20.54
N LYS A 192 20.20 0.63 21.50
CA LYS A 192 19.39 -0.19 22.40
C LYS A 192 18.36 -1.03 21.66
N ASP A 193 18.81 -1.68 20.60
CA ASP A 193 18.00 -2.55 19.74
C ASP A 193 16.80 -1.83 19.12
N LEU A 194 16.77 -0.51 19.13
CA LEU A 194 15.89 0.26 18.27
C LEU A 194 16.65 0.74 17.04
N HIS A 195 16.03 0.59 15.87
CA HIS A 195 16.65 0.92 14.59
C HIS A 195 16.09 2.25 14.09
N PHE A 196 16.96 3.25 14.00
CA PHE A 196 16.58 4.61 13.68
C PHE A 196 16.92 4.91 12.23
N LYS A 197 16.02 5.61 11.54
CA LYS A 197 16.33 6.26 10.27
C LYS A 197 16.24 7.78 10.47
N MET A 198 17.34 8.48 10.14
CA MET A 198 17.43 9.92 10.32
C MET A 198 17.59 10.57 8.96
N PHE A 199 16.65 11.46 8.62
CA PHE A 199 16.52 12.02 7.28
C PHE A 199 17.03 13.46 7.29
N ASP A 200 18.32 13.63 7.00
CA ASP A 200 18.88 14.97 6.82
C ASP A 200 18.42 15.51 5.47
N VAL A 201 17.35 16.30 5.48
CA VAL A 201 16.82 16.93 4.28
C VAL A 201 17.60 18.16 3.83
N GLY A 202 18.62 18.56 4.59
CA GLY A 202 19.19 19.89 4.44
C GLY A 202 19.71 20.20 3.05
N ALA A 203 20.25 19.21 2.35
CA ALA A 203 20.83 19.46 1.03
C ALA A 203 19.79 19.63 -0.08
N GLN A 204 18.49 19.59 0.23
CA GLN A 204 17.48 19.50 -0.81
C GLN A 204 17.19 20.83 -1.47
N ARG A 205 17.48 21.94 -0.79
CA ARG A 205 17.42 23.30 -1.33
C ARG A 205 16.23 23.51 -2.26
N SER A 206 15.04 23.14 -1.76
CA SER A 206 13.83 23.18 -2.57
C SER A 206 12.65 23.50 -1.67
N GLU A 207 11.59 24.04 -2.27
CA GLU A 207 10.47 24.56 -1.49
C GLU A 207 9.80 23.46 -0.68
N ARG A 208 9.82 23.62 0.65
CA ARG A 208 9.27 22.61 1.55
C ARG A 208 7.83 22.26 1.22
N LYS A 209 7.01 23.29 0.92
CA LYS A 209 5.59 23.10 0.65
C LYS A 209 5.29 22.01 -0.37
N LYS A 210 6.22 21.71 -1.26
CA LYS A 210 5.97 20.73 -2.32
C LYS A 210 6.56 19.36 -2.02
N TRP A 211 7.30 19.18 -0.92
CA TRP A 211 7.84 17.88 -0.56
C TRP A 211 7.74 17.54 0.92
N ILE A 212 7.54 18.51 1.81
CA ILE A 212 7.51 18.24 3.25
C ILE A 212 6.44 17.23 3.61
N HIS A 213 5.33 17.20 2.88
CA HIS A 213 4.26 16.22 3.12
C HIS A 213 4.69 14.77 2.90
N CYS A 214 5.89 14.51 2.40
CA CYS A 214 6.45 13.17 2.50
C CYS A 214 6.59 12.71 3.95
N PHE A 215 6.87 13.64 4.86
CA PHE A 215 7.21 13.31 6.24
C PHE A 215 6.02 13.36 7.18
N GLU A 216 4.80 13.37 6.65
CA GLU A 216 3.58 13.40 7.45
C GLU A 216 3.51 12.29 8.49
N GLY A 217 4.34 11.26 8.37
CA GLY A 217 4.30 10.13 9.28
C GLY A 217 5.57 9.83 10.05
N VAL A 218 6.51 10.78 10.09
CA VAL A 218 7.71 10.59 10.89
C VAL A 218 7.33 10.62 12.38
N THR A 219 8.15 9.94 13.18
CA THR A 219 7.90 9.88 14.62
C THR A 219 8.33 11.15 15.34
N ALA A 220 9.46 11.74 14.95
CA ALA A 220 9.91 12.99 15.55
C ALA A 220 10.61 13.83 14.50
N ILE A 221 10.54 15.15 14.68
CA ILE A 221 11.37 16.09 13.95
C ILE A 221 12.48 16.56 14.88
N ILE A 222 13.70 16.09 14.65
CA ILE A 222 14.87 16.65 15.30
C ILE A 222 15.19 17.99 14.65
N PHE A 223 15.09 19.06 15.43
CA PHE A 223 15.36 20.41 14.93
C PHE A 223 16.59 20.95 15.64
N CYS A 224 17.61 21.31 14.86
CA CYS A 224 18.85 21.85 15.39
C CYS A 224 18.91 23.35 15.13
N VAL A 225 19.34 24.10 16.14
CA VAL A 225 19.74 25.49 15.95
C VAL A 225 20.98 25.75 16.78
N ALA A 226 21.98 26.38 16.17
CA ALA A 226 23.21 26.73 16.88
C ALA A 226 22.96 28.03 17.66
N LEU A 227 23.16 27.98 18.96
CA LEU A 227 22.86 29.13 19.81
C LEU A 227 23.72 30.35 19.45
N SER A 228 24.89 30.14 18.84
CA SER A 228 25.68 31.25 18.31
C SER A 228 24.94 32.09 17.28
N ASP A 229 23.91 31.53 16.64
CA ASP A 229 23.26 32.19 15.50
C ASP A 229 22.63 33.52 15.84
N TYR A 230 22.46 33.85 17.13
CA TYR A 230 21.93 35.17 17.47
C TYR A 230 22.92 36.28 17.14
N ASP A 231 24.21 35.99 17.17
CA ASP A 231 25.24 37.01 16.96
C ASP A 231 25.54 37.26 15.49
N LEU A 232 24.93 36.51 14.58
CA LEU A 232 25.46 36.36 13.23
C LEU A 232 24.37 36.70 12.21
N VAL A 233 24.78 37.30 11.10
CA VAL A 233 23.85 37.77 10.08
C VAL A 233 23.26 36.59 9.33
N ASN A 241 20.29 37.44 13.50
CA ASN A 241 19.25 37.37 12.47
C ASN A 241 19.06 35.94 11.99
N ARG A 242 20.16 35.17 11.97
CA ARG A 242 20.05 33.73 11.76
C ARG A 242 19.17 33.07 12.82
N MET A 243 19.18 33.60 14.05
CA MET A 243 18.29 33.10 15.08
C MET A 243 16.83 33.40 14.77
N HIS A 244 16.55 34.56 14.18
CA HIS A 244 15.20 34.84 13.74
C HIS A 244 14.77 33.95 12.58
N GLU A 245 15.67 33.72 11.62
CA GLU A 245 15.39 32.77 10.55
C GLU A 245 15.08 31.38 11.09
N SER A 246 15.84 30.93 12.09
CA SER A 246 15.55 29.66 12.75
C SER A 246 14.21 29.68 13.49
N MET A 247 13.90 30.77 14.18
CA MET A 247 12.59 30.85 14.84
C MET A 247 11.44 30.86 13.84
N LYS A 248 11.63 31.46 12.66
CA LYS A 248 10.60 31.42 11.63
C LYS A 248 10.43 30.01 11.06
N LEU A 249 11.56 29.34 10.80
CA LEU A 249 11.50 27.95 10.36
C LEU A 249 10.83 27.05 11.40
N PHE A 250 11.04 27.32 12.68
CA PHE A 250 10.33 26.59 13.72
C PHE A 250 8.84 26.95 13.75
N ASP A 251 8.51 28.23 13.61
CA ASP A 251 7.11 28.65 13.59
C ASP A 251 6.36 28.05 12.42
N SER A 252 7.07 27.72 11.34
CA SER A 252 6.48 26.95 10.25
C SER A 252 6.36 25.47 10.63
N ILE A 253 7.50 24.80 10.81
CA ILE A 253 7.53 23.36 11.02
C ILE A 253 6.72 22.95 12.26
N CYS A 254 6.73 23.77 13.30
CA CYS A 254 5.90 23.47 14.47
C CYS A 254 4.41 23.73 14.23
N ASN A 255 4.04 24.39 13.13
CA ASN A 255 2.64 24.68 12.85
C ASN A 255 2.16 24.08 11.54
N ASN A 256 3.06 23.58 10.69
CA ASN A 256 2.66 23.01 9.41
C ASN A 256 1.63 21.91 9.61
N LYS A 257 0.60 21.93 8.76
CA LYS A 257 -0.57 21.06 8.93
C LYS A 257 -0.20 19.58 8.89
N TRP A 258 0.84 19.21 8.14
CA TRP A 258 1.25 17.82 8.06
C TRP A 258 1.90 17.33 9.36
N PHE A 259 2.50 18.22 10.14
CA PHE A 259 3.18 17.83 11.37
C PHE A 259 2.33 18.07 12.61
N THR A 260 1.03 18.33 12.44
CA THR A 260 0.18 18.79 13.54
C THR A 260 0.30 17.91 14.79
N ASP A 261 0.31 16.59 14.61
CA ASP A 261 0.43 15.66 15.73
C ASP A 261 1.88 15.23 16.00
N THR A 262 2.85 15.83 15.34
CA THR A 262 4.20 15.29 15.29
C THR A 262 5.11 16.03 16.27
N SER A 263 5.78 15.25 17.13
CA SER A 263 6.69 15.80 18.12
C SER A 263 7.87 16.50 17.45
N ILE A 264 8.52 17.37 18.21
CA ILE A 264 9.75 18.04 17.79
C ILE A 264 10.80 17.85 18.89
N ILE A 265 12.03 17.56 18.48
CA ILE A 265 13.18 17.49 19.38
C ILE A 265 14.11 18.65 19.03
N LEU A 266 14.05 19.72 19.81
CA LEU A 266 14.84 20.93 19.56
C LEU A 266 16.21 20.76 20.21
N PHE A 267 17.21 20.40 19.41
CA PHE A 267 18.60 20.36 19.85
C PHE A 267 19.21 21.76 19.78
N LEU A 268 19.40 22.38 20.93
CA LEU A 268 20.19 23.61 21.05
C LEU A 268 21.67 23.23 21.01
N ASN A 269 22.37 23.66 19.97
CA ASN A 269 23.76 23.33 19.72
C ASN A 269 24.69 24.46 20.15
N LYS A 270 25.99 24.15 20.16
CA LYS A 270 27.04 25.14 20.45
C LYS A 270 26.85 25.80 21.80
N LYS A 271 26.50 25.00 22.80
CA LYS A 271 26.43 25.48 24.19
C LYS A 271 27.70 26.22 24.60
N ASP A 272 28.86 25.65 24.30
CA ASP A 272 30.12 26.25 24.71
C ASP A 272 30.37 27.58 24.01
N LEU A 273 30.20 27.61 22.69
CA LEU A 273 30.33 28.86 21.95
C LEU A 273 29.30 29.89 22.37
N PHE A 274 28.09 29.46 22.73
CA PHE A 274 27.08 30.39 23.23
C PHE A 274 27.47 30.96 24.60
N GLU A 275 28.05 30.13 25.47
CA GLU A 275 28.57 30.62 26.73
C GLU A 275 29.67 31.67 26.53
N GLU A 276 30.61 31.37 25.63
CA GLU A 276 31.65 32.34 25.29
C GLU A 276 31.08 33.63 24.71
N LYS A 277 30.14 33.51 23.76
CA LYS A 277 29.47 34.69 23.21
C LYS A 277 28.73 35.50 24.27
N ILE A 278 28.07 34.84 25.22
CA ILE A 278 27.39 35.57 26.29
C ILE A 278 28.37 36.38 27.13
N LYS A 279 29.61 35.90 27.27
CA LYS A 279 30.63 36.72 27.92
C LYS A 279 31.12 37.85 27.02
N LYS A 280 30.69 37.90 25.77
CA LYS A 280 31.09 38.97 24.85
C LYS A 280 29.91 39.81 24.38
N SER A 281 28.81 39.18 23.96
CA SER A 281 27.70 39.87 23.34
C SER A 281 26.42 39.67 24.14
N PRO A 282 25.73 40.74 24.53
CA PRO A 282 24.43 40.58 25.18
C PRO A 282 23.41 39.95 24.24
N LEU A 283 22.59 39.03 24.79
CA LEU A 283 21.56 38.38 24.00
C LEU A 283 20.51 39.36 23.48
N THR A 284 20.37 40.54 24.10
CA THR A 284 19.44 41.54 23.58
C THR A 284 19.83 42.09 22.22
N ILE A 285 21.02 41.75 21.72
CA ILE A 285 21.43 42.14 20.36
C ILE A 285 20.44 41.64 19.32
N CYS A 286 19.79 40.50 19.55
CA CYS A 286 18.70 40.04 18.71
C CYS A 286 17.32 40.07 19.37
N TYR A 287 17.23 40.41 20.66
CA TYR A 287 15.95 40.46 21.36
C TYR A 287 15.83 41.79 22.08
N PRO A 288 15.18 42.78 21.49
CA PRO A 288 14.96 44.05 22.19
C PRO A 288 14.12 43.89 23.45
N GLU A 289 13.20 42.94 23.47
CA GLU A 289 12.35 42.70 24.63
C GLU A 289 13.08 42.02 25.78
N TYR A 290 14.32 41.57 25.56
CA TYR A 290 15.02 40.84 26.61
C TYR A 290 15.32 41.77 27.79
N ALA A 291 15.16 41.23 28.99
CA ALA A 291 15.45 41.98 30.23
C ALA A 291 15.81 40.95 31.30
N GLY A 292 17.10 40.68 31.43
CA GLY A 292 17.55 39.70 32.40
C GLY A 292 19.06 39.56 32.38
N SER A 293 19.54 38.62 33.19
CA SER A 293 20.97 38.44 33.37
C SER A 293 21.62 37.96 32.08
N ASN A 294 22.74 38.60 31.72
CA ASN A 294 23.62 38.11 30.65
C ASN A 294 24.54 37.01 31.17
N THR A 295 23.92 35.93 31.63
CA THR A 295 24.62 34.74 32.08
C THR A 295 23.97 33.52 31.47
N TYR A 296 24.77 32.46 31.30
CA TYR A 296 24.40 31.33 30.45
C TYR A 296 22.99 30.81 30.74
N GLU A 297 22.71 30.47 31.99
CA GLU A 297 21.52 29.68 32.29
C GLU A 297 20.24 30.46 32.02
N GLU A 298 20.23 31.76 32.31
CA GLU A 298 19.04 32.57 32.06
C GLU A 298 18.87 32.88 30.58
N ALA A 299 19.96 33.21 29.88
CA ALA A 299 19.88 33.45 28.45
C ALA A 299 19.38 32.21 27.71
N ALA A 300 19.94 31.05 28.06
CA ALA A 300 19.46 29.77 27.52
C ALA A 300 17.98 29.58 27.81
N ALA A 301 17.54 29.77 29.06
CA ALA A 301 16.14 29.55 29.39
C ALA A 301 15.24 30.49 28.60
N TYR A 302 15.68 31.73 28.40
CA TYR A 302 14.89 32.69 27.65
C TYR A 302 14.78 32.30 26.18
N ILE A 303 15.89 31.84 25.58
CA ILE A 303 15.83 31.31 24.22
C ILE A 303 14.87 30.14 24.12
N GLN A 304 15.02 29.18 25.05
CA GLN A 304 14.14 28.01 25.06
C GLN A 304 12.66 28.40 25.16
N CYS A 305 12.34 29.41 25.97
CA CYS A 305 10.97 29.93 26.00
C CYS A 305 10.58 30.62 24.70
N GLN A 306 11.45 31.46 24.16
CA GLN A 306 11.20 32.16 22.91
C GLN A 306 11.06 31.22 21.71
N PHE A 307 11.49 29.97 21.86
CA PHE A 307 11.08 28.90 20.95
C PHE A 307 9.78 28.21 21.34
N GLU A 308 9.68 27.69 22.57
CA GLU A 308 8.52 26.91 22.98
C GLU A 308 7.22 27.69 22.88
N ASP A 309 7.27 29.02 23.00
CA ASP A 309 6.06 29.82 22.87
C ASP A 309 5.64 30.03 21.42
N LEU A 310 6.47 29.64 20.45
CA LEU A 310 6.06 29.72 19.05
C LEU A 310 5.03 28.64 18.72
N ASN A 311 5.08 27.51 19.42
CA ASN A 311 4.17 26.39 19.19
C ASN A 311 2.74 26.73 19.54
N LYS A 312 1.94 27.08 18.52
CA LYS A 312 0.51 27.27 18.74
C LYS A 312 -0.15 25.99 19.23
N ARG A 313 0.24 24.86 18.64
CA ARG A 313 -0.38 23.56 18.94
C ARG A 313 0.21 22.95 20.22
N LYS A 314 -0.01 23.66 21.32
CA LYS A 314 0.68 23.37 22.57
C LYS A 314 0.30 22.00 23.13
N ASP A 315 -0.88 21.49 22.77
CA ASP A 315 -1.44 20.29 23.39
C ASP A 315 -1.33 19.06 22.52
N THR A 316 -1.39 19.23 21.20
CA THR A 316 -1.11 18.14 20.28
C THR A 316 0.38 17.80 20.30
N LYS A 317 1.22 18.79 19.99
CA LYS A 317 2.65 18.58 19.96
C LYS A 317 3.21 18.53 21.37
N GLU A 318 4.40 17.94 21.50
CA GLU A 318 5.33 18.24 22.57
C GLU A 318 6.72 18.46 22.01
N ILE A 319 7.47 19.36 22.64
CA ILE A 319 8.77 19.81 22.16
C ILE A 319 9.83 19.39 23.17
N TYR A 320 10.67 18.45 22.78
CA TYR A 320 11.64 17.83 23.69
C TYR A 320 12.98 18.54 23.56
N THR A 321 13.01 19.76 24.07
CA THR A 321 14.20 20.61 23.96
C THR A 321 15.34 20.04 24.81
N HIS A 322 16.53 20.03 24.22
CA HIS A 322 17.73 19.54 24.90
C HIS A 322 18.92 20.40 24.50
N PHE A 323 19.91 20.45 25.39
CA PHE A 323 21.14 21.20 25.19
C PHE A 323 22.25 20.22 24.86
N THR A 324 22.89 20.41 23.71
CA THR A 324 23.71 19.37 23.12
C THR A 324 24.89 19.05 24.03
N CYS A 325 24.99 17.79 24.44
CA CYS A 325 26.07 17.36 25.32
C CYS A 325 27.34 17.06 24.55
N SER A 326 28.46 17.64 24.99
CA SER A 326 29.73 17.32 24.32
C SER A 326 30.05 15.89 24.73
N THR A 327 29.89 15.58 26.02
CA THR A 327 30.03 14.18 26.48
C THR A 327 29.06 13.38 25.63
N ASP A 328 29.55 12.40 24.89
CA ASP A 328 28.64 11.70 23.96
C ASP A 328 27.80 10.69 24.73
N THR A 329 27.07 9.87 23.98
CA THR A 329 26.19 8.85 24.61
C THR A 329 25.08 9.56 25.38
N LYS A 330 25.18 10.88 25.60
CA LYS A 330 24.00 11.50 26.20
C LYS A 330 23.03 12.03 25.15
N ASN A 331 23.53 12.42 23.98
CA ASN A 331 22.65 12.95 22.93
C ASN A 331 21.78 11.85 22.33
N VAL A 332 22.40 10.74 21.93
CA VAL A 332 21.62 9.65 21.36
C VAL A 332 20.75 8.98 22.43
N GLN A 333 21.20 8.98 23.69
CA GLN A 333 20.33 8.57 24.79
C GLN A 333 19.11 9.47 24.93
N PHE A 334 19.28 10.78 24.76
CA PHE A 334 18.13 11.68 24.78
C PHE A 334 17.20 11.42 23.60
N VAL A 335 17.76 11.24 22.40
CA VAL A 335 16.93 10.90 21.25
C VAL A 335 16.15 9.62 21.49
N PHE A 336 16.82 8.60 22.04
CA PHE A 336 16.15 7.32 22.33
C PHE A 336 15.03 7.49 23.36
N ASP A 337 15.26 8.30 24.39
CA ASP A 337 14.21 8.54 25.39
C ASP A 337 13.03 9.32 24.82
N ALA A 338 13.31 10.34 24.02
CA ALA A 338 12.25 11.10 23.37
C ALA A 338 11.43 10.24 22.41
N VAL A 339 12.11 9.43 21.59
CA VAL A 339 11.42 8.50 20.72
C VAL A 339 10.59 7.49 21.51
N THR A 340 11.15 6.98 22.61
CA THR A 340 10.37 6.10 23.49
C THR A 340 9.10 6.78 23.98
N ASP A 341 9.20 8.01 24.48
CA ASP A 341 8.02 8.71 24.99
C ASP A 341 7.02 9.05 23.90
N VAL A 342 7.49 9.30 22.68
CA VAL A 342 6.59 9.58 21.58
C VAL A 342 5.88 8.31 21.11
N ILE A 343 6.60 7.19 21.08
CA ILE A 343 5.96 5.88 20.88
C ILE A 343 4.92 5.60 21.96
N ILE A 344 5.22 5.91 23.21
CA ILE A 344 4.24 5.74 24.29
C ILE A 344 3.00 6.59 24.03
N LYS A 345 3.18 7.85 23.64
CA LYS A 345 2.03 8.72 23.39
C LYS A 345 1.23 8.26 22.17
N ASN A 346 1.91 7.81 21.12
CA ASN A 346 1.22 7.26 19.96
C ASN A 346 0.44 6.00 20.30
N ASN A 347 1.02 5.10 21.09
CA ASN A 347 0.29 3.90 21.48
C ASN A 347 -0.90 4.22 22.38
N LEU A 348 -0.74 5.21 23.26
CA LEU A 348 -1.85 5.73 24.06
C LEU A 348 -2.99 6.25 23.18
N LYS A 349 -2.67 6.96 22.11
CA LYS A 349 -3.71 7.39 21.17
C LYS A 349 -4.28 6.24 20.34
N ASP A 350 -3.43 5.27 20.00
CA ASP A 350 -3.92 4.09 19.25
C ASP A 350 -4.86 3.32 20.17
N CYS A 351 -4.53 3.24 21.45
CA CYS A 351 -5.41 2.60 22.42
C CYS A 351 -6.65 3.44 22.72
N GLY A 352 -6.71 4.67 22.23
CA GLY A 352 -7.79 5.56 22.54
C GLY A 352 -7.86 6.01 23.98
N LEU A 353 -6.81 5.74 24.75
CA LEU A 353 -6.70 6.28 26.10
C LEU A 353 -6.40 7.78 26.06
N PHE A 354 -5.48 8.20 25.19
CA PHE A 354 -5.38 9.61 24.82
C PHE A 354 -6.09 9.86 23.50
N SER B 13 22.64 46.76 -19.51
CA SER B 13 22.63 48.12 -18.99
C SER B 13 22.09 48.15 -17.57
N GLU B 14 20.76 48.12 -17.45
CA GLU B 14 20.11 48.22 -16.15
C GLU B 14 18.74 47.58 -16.25
N LEU B 15 18.22 47.15 -15.10
CA LEU B 15 16.86 46.64 -15.05
C LEU B 15 15.82 47.72 -15.35
N ASP B 16 16.16 48.99 -15.09
CA ASP B 16 15.40 50.17 -15.51
C ASP B 16 15.45 50.38 -17.02
N GLN B 17 16.07 49.48 -17.76
CA GLN B 17 15.88 49.37 -19.20
C GLN B 17 15.30 48.01 -19.56
N LEU B 18 16.02 46.93 -19.23
CA LEU B 18 15.67 45.64 -19.81
C LEU B 18 14.38 45.09 -19.21
N ARG B 19 14.12 45.34 -17.92
CA ARG B 19 12.81 44.96 -17.37
C ARG B 19 11.67 45.82 -17.90
N GLN B 20 11.96 47.01 -18.41
CA GLN B 20 10.92 47.80 -19.04
C GLN B 20 10.63 47.32 -20.46
N GLU B 21 11.69 46.93 -21.18
CA GLU B 21 11.50 46.32 -22.49
C GLU B 21 10.74 44.99 -22.37
N ALA B 22 11.16 44.14 -21.42
CA ALA B 22 10.42 42.93 -21.10
C ALA B 22 8.96 43.19 -20.72
N GLU B 23 8.68 44.25 -19.95
CA GLU B 23 7.29 44.62 -19.65
C GLU B 23 6.53 45.07 -20.90
N GLN B 24 7.17 45.84 -21.78
CA GLN B 24 6.53 46.23 -23.04
C GLN B 24 6.25 45.03 -23.94
N LEU B 25 7.14 44.03 -23.92
CA LEU B 25 6.85 42.77 -24.60
C LEU B 25 5.69 42.02 -23.95
N LYS B 26 5.70 41.89 -22.63
CA LYS B 26 4.59 41.24 -21.93
C LYS B 26 3.24 41.90 -22.24
N ASN B 27 3.23 43.23 -22.32
CA ASN B 27 2.03 43.95 -22.75
C ASN B 27 1.68 43.67 -24.20
N GLN B 28 2.67 43.60 -25.09
CA GLN B 28 2.39 43.27 -26.48
C GLN B 28 1.78 41.87 -26.63
N ILE B 29 2.33 40.91 -25.88
CA ILE B 29 1.78 39.55 -25.85
C ILE B 29 0.35 39.53 -25.31
N ARG B 30 0.12 40.18 -24.17
CA ARG B 30 -1.22 40.22 -23.61
C ARG B 30 -2.22 40.89 -24.55
N ASP B 31 -1.80 41.95 -25.25
CA ASP B 31 -2.65 42.57 -26.27
C ASP B 31 -2.95 41.61 -27.41
N ALA B 32 -1.92 40.92 -27.93
CA ALA B 32 -2.13 39.93 -28.98
C ALA B 32 -3.09 38.82 -28.55
N ARG B 33 -2.96 38.35 -27.32
CA ARG B 33 -3.89 37.37 -26.78
C ARG B 33 -5.32 37.91 -26.70
N LYS B 34 -5.50 39.10 -26.12
CA LYS B 34 -6.83 39.69 -26.06
C LYS B 34 -7.41 39.94 -27.44
N ALA B 35 -6.55 40.16 -28.44
CA ALA B 35 -7.01 40.24 -29.83
C ALA B 35 -7.40 38.88 -30.38
N CYS B 36 -6.76 37.81 -29.92
CA CYS B 36 -7.07 36.47 -30.40
C CYS B 36 -8.27 35.85 -29.69
N ALA B 37 -8.56 36.27 -28.46
CA ALA B 37 -9.80 35.86 -27.81
C ALA B 37 -11.00 36.56 -28.44
N ASP B 38 -11.55 35.96 -29.51
CA ASP B 38 -12.79 36.41 -30.11
C ASP B 38 -14.02 35.73 -29.52
N ALA B 39 -13.87 34.58 -28.88
CA ALA B 39 -14.94 33.97 -28.11
C ALA B 39 -14.32 33.13 -27.00
N THR B 40 -15.07 32.98 -25.90
CA THR B 40 -14.75 31.96 -24.92
C THR B 40 -15.30 30.60 -25.33
N LEU B 41 -14.74 29.56 -24.71
CA LEU B 41 -15.08 28.18 -25.01
C LEU B 41 -16.55 27.87 -24.71
N SER B 42 -17.12 28.55 -23.71
CA SER B 42 -18.50 28.29 -23.31
C SER B 42 -19.50 28.50 -24.45
N GLN B 43 -19.50 29.70 -25.05
CA GLN B 43 -20.48 29.99 -26.09
C GLN B 43 -20.28 29.16 -27.36
N ILE B 44 -19.06 28.74 -27.66
CA ILE B 44 -18.85 27.88 -28.83
C ILE B 44 -19.25 26.43 -28.55
N THR B 45 -18.89 25.90 -27.38
CA THR B 45 -19.29 24.54 -27.03
C THR B 45 -20.74 24.42 -26.58
N ASN B 46 -21.45 25.53 -26.39
CA ASN B 46 -22.88 25.46 -26.12
C ASN B 46 -23.65 24.77 -27.25
N ASN B 47 -23.10 24.78 -28.47
CA ASN B 47 -23.58 23.96 -29.58
C ASN B 47 -23.37 22.46 -29.39
N ILE B 48 -22.70 22.02 -28.33
CA ILE B 48 -22.41 20.60 -28.12
C ILE B 48 -23.30 20.08 -26.99
N ASP B 49 -23.99 18.97 -27.26
CA ASP B 49 -24.89 18.37 -26.30
C ASP B 49 -24.12 17.88 -25.07
N PRO B 50 -24.68 18.01 -23.86
CA PRO B 50 -23.93 17.70 -22.65
C PRO B 50 -23.64 16.20 -22.53
N VAL B 51 -22.53 15.90 -21.84
CA VAL B 51 -22.09 14.53 -21.64
C VAL B 51 -23.03 13.76 -20.70
N GLY B 52 -23.81 14.46 -19.89
CA GLY B 52 -24.61 13.81 -18.88
C GLY B 52 -23.79 13.36 -17.69
N ARG B 53 -24.47 12.63 -16.80
CA ARG B 53 -23.80 12.07 -15.64
C ARG B 53 -22.92 10.88 -16.03
N ILE B 54 -21.68 10.91 -15.56
CA ILE B 54 -20.72 9.82 -15.74
C ILE B 54 -20.61 9.05 -14.42
N GLN B 55 -21.54 8.12 -14.20
CA GLN B 55 -21.32 7.10 -13.18
C GLN B 55 -20.19 6.16 -13.61
N MET B 56 -19.30 5.87 -12.65
CA MET B 56 -18.21 4.93 -12.85
C MET B 56 -17.97 4.14 -11.57
N ARG B 57 -17.50 2.91 -11.72
CA ARG B 57 -17.36 1.98 -10.61
C ARG B 57 -15.89 1.58 -10.45
N THR B 58 -15.50 1.34 -9.20
CA THR B 58 -14.20 0.74 -8.90
C THR B 58 -14.20 -0.72 -9.37
N ARG B 59 -13.67 -0.95 -10.57
CA ARG B 59 -13.61 -2.30 -11.12
C ARG B 59 -12.52 -3.13 -10.48
N ARG B 60 -11.43 -2.50 -10.03
CA ARG B 60 -10.36 -3.17 -9.32
C ARG B 60 -9.86 -2.26 -8.20
N THR B 61 -9.54 -2.86 -7.07
CA THR B 61 -8.77 -2.20 -6.01
C THR B 61 -7.44 -2.93 -5.83
N LEU B 62 -6.35 -2.20 -6.00
CA LEU B 62 -5.01 -2.76 -5.93
C LEU B 62 -4.41 -2.42 -4.57
N ARG B 63 -4.33 -3.43 -3.71
CA ARG B 63 -4.15 -3.25 -2.27
C ARG B 63 -2.72 -3.47 -1.82
N GLY B 64 -1.78 -3.63 -2.74
CA GLY B 64 -0.47 -4.15 -2.39
C GLY B 64 0.43 -3.17 -1.67
N HIS B 65 0.23 -1.86 -1.91
CA HIS B 65 1.07 -0.88 -1.24
C HIS B 65 0.74 -0.79 0.25
N LEU B 66 1.68 -0.18 0.98
CA LEU B 66 1.58 -0.06 2.42
C LEU B 66 1.69 1.37 2.92
N ALA B 67 2.13 2.30 2.07
CA ALA B 67 2.18 3.71 2.41
C ALA B 67 1.53 4.53 1.30
N LYS B 68 1.71 5.85 1.35
CA LYS B 68 1.08 6.74 0.39
C LYS B 68 1.66 6.51 -1.01
N ILE B 69 0.77 6.22 -1.97
CA ILE B 69 1.14 6.26 -3.37
C ILE B 69 1.30 7.72 -3.80
N TYR B 70 2.38 8.01 -4.53
CA TYR B 70 2.59 9.34 -5.07
C TYR B 70 2.39 9.44 -6.58
N ALA B 71 2.83 8.44 -7.35
CA ALA B 71 2.68 8.49 -8.80
C ALA B 71 2.32 7.11 -9.34
N MET B 72 1.60 7.12 -10.46
CA MET B 72 1.36 5.92 -11.25
C MET B 72 1.35 6.29 -12.72
N HIS B 73 1.67 5.32 -13.57
CA HIS B 73 1.66 5.54 -15.01
C HIS B 73 1.21 4.27 -15.73
N TRP B 74 0.35 4.45 -16.73
CA TRP B 74 -0.12 3.36 -17.56
C TRP B 74 0.91 3.03 -18.63
N GLY B 75 1.15 1.73 -18.83
CA GLY B 75 1.86 1.30 -20.01
C GLY B 75 1.05 1.44 -21.28
N THR B 76 1.76 1.47 -22.40
CA THR B 76 1.11 1.62 -23.70
C THR B 76 0.18 0.46 -24.01
N ASP B 77 0.44 -0.71 -23.42
CA ASP B 77 -0.44 -1.87 -23.59
C ASP B 77 -1.77 -1.74 -22.87
N SER B 78 -2.00 -0.64 -22.16
CA SER B 78 -3.26 -0.39 -21.45
C SER B 78 -3.62 -1.51 -20.49
N ARG B 79 -2.60 -2.20 -19.96
CA ARG B 79 -2.86 -3.34 -19.09
C ARG B 79 -1.97 -3.29 -17.85
N LEU B 80 -0.67 -3.14 -18.05
CA LEU B 80 0.24 -2.94 -16.94
C LEU B 80 0.24 -1.48 -16.49
N LEU B 81 0.49 -1.28 -15.20
CA LEU B 81 0.79 0.04 -14.67
C LEU B 81 1.91 -0.06 -13.65
N VAL B 82 2.69 1.01 -13.56
CA VAL B 82 3.67 1.20 -12.50
C VAL B 82 3.02 2.08 -11.44
N SER B 83 3.33 1.82 -10.17
CA SER B 83 2.92 2.71 -9.10
C SER B 83 4.01 2.82 -8.06
N ALA B 84 4.16 4.03 -7.51
CA ALA B 84 5.29 4.42 -6.68
C ALA B 84 4.79 4.90 -5.33
N SER B 85 5.35 4.36 -4.26
CA SER B 85 4.91 4.66 -2.90
C SER B 85 6.13 4.84 -2.01
N GLN B 86 5.97 5.69 -0.99
CA GLN B 86 7.08 5.98 -0.08
C GLN B 86 7.40 4.85 0.86
N ASP B 87 6.77 3.68 0.74
CA ASP B 87 7.33 2.45 1.29
C ASP B 87 8.54 1.96 0.53
N GLY B 88 8.89 2.62 -0.57
CA GLY B 88 10.11 2.33 -1.30
C GLY B 88 9.99 1.21 -2.29
N LYS B 89 8.80 1.02 -2.86
CA LYS B 89 8.53 -0.05 -3.80
C LYS B 89 7.91 0.54 -5.06
N LEU B 90 8.38 0.08 -6.22
CA LEU B 90 7.54 0.09 -7.41
C LEU B 90 6.80 -1.23 -7.50
N ILE B 91 5.52 -1.17 -7.85
CA ILE B 91 4.75 -2.36 -8.21
C ILE B 91 4.26 -2.23 -9.64
N ILE B 92 4.51 -3.26 -10.44
CA ILE B 92 3.90 -3.41 -11.75
C ILE B 92 2.64 -4.24 -11.59
N TRP B 93 1.50 -3.69 -12.02
CA TRP B 93 0.20 -4.28 -11.76
C TRP B 93 -0.43 -4.69 -13.08
N ASP B 94 -0.91 -5.92 -13.16
CA ASP B 94 -1.83 -6.34 -14.22
C ASP B 94 -3.23 -5.89 -13.83
N SER B 95 -3.69 -4.78 -14.41
CA SER B 95 -4.99 -4.22 -14.07
C SER B 95 -6.15 -5.16 -14.42
N TYR B 96 -5.93 -6.19 -15.23
CA TYR B 96 -7.00 -7.13 -15.54
C TYR B 96 -7.18 -8.18 -14.46
N THR B 97 -6.10 -8.56 -13.78
CA THR B 97 -6.12 -9.67 -12.84
C THR B 97 -5.84 -9.28 -11.39
N THR B 98 -5.38 -8.06 -11.13
CA THR B 98 -4.75 -7.60 -9.88
C THR B 98 -3.40 -8.24 -9.60
N ASN B 99 -2.87 -9.07 -10.49
CA ASN B 99 -1.57 -9.69 -10.27
C ASN B 99 -0.48 -8.62 -10.14
N LYS B 100 0.40 -8.83 -9.18
CA LYS B 100 1.63 -8.04 -9.06
C LYS B 100 2.73 -8.66 -9.91
N VAL B 101 3.12 -7.96 -10.97
CA VAL B 101 4.08 -8.48 -11.93
C VAL B 101 5.51 -8.38 -11.40
N HIS B 102 5.85 -7.23 -10.80
CA HIS B 102 7.14 -7.03 -10.15
C HIS B 102 6.95 -6.12 -8.96
N ALA B 103 7.86 -6.22 -8.00
CA ALA B 103 7.94 -5.27 -6.89
C ALA B 103 9.39 -4.92 -6.63
N ILE B 104 9.76 -3.69 -6.94
CA ILE B 104 11.15 -3.27 -7.08
C ILE B 104 11.58 -2.59 -5.79
N PRO B 105 12.65 -3.03 -5.14
CA PRO B 105 13.11 -2.38 -3.90
C PRO B 105 13.94 -1.14 -4.20
N LEU B 106 13.35 0.03 -3.94
CA LEU B 106 13.96 1.29 -4.31
C LEU B 106 14.96 1.76 -3.27
N ARG B 107 16.11 2.24 -3.75
CA ARG B 107 17.24 2.54 -2.87
C ARG B 107 17.02 3.80 -2.04
N SER B 108 16.04 4.63 -2.40
CA SER B 108 15.74 5.86 -1.67
C SER B 108 14.23 6.07 -1.69
N SER B 109 13.58 5.64 -0.61
CA SER B 109 12.13 5.41 -0.61
C SER B 109 11.32 6.66 -0.86
N TRP B 110 11.92 7.84 -0.72
CA TRP B 110 11.18 9.10 -0.79
C TRP B 110 10.86 9.48 -2.23
N VAL B 111 10.24 8.55 -2.95
CA VAL B 111 9.98 8.70 -4.37
C VAL B 111 8.62 9.36 -4.56
N MET B 112 8.54 10.26 -5.54
CA MET B 112 7.29 10.96 -5.82
C MET B 112 7.08 11.16 -7.31
N THR B 113 7.73 10.37 -8.15
CA THR B 113 7.36 10.24 -9.55
C THR B 113 7.73 8.83 -10.01
N CYS B 114 6.97 8.32 -10.98
CA CYS B 114 7.40 7.18 -11.76
C CYS B 114 6.78 7.25 -13.14
N ALA B 115 7.41 6.54 -14.09
CA ALA B 115 6.91 6.43 -15.44
C ALA B 115 7.14 5.02 -15.94
N TYR B 116 6.26 4.56 -16.84
CA TYR B 116 6.43 3.29 -17.51
C TYR B 116 6.75 3.56 -18.98
N ALA B 117 7.90 3.07 -19.44
CA ALA B 117 8.37 3.38 -20.78
C ALA B 117 7.37 2.95 -21.84
N PRO B 118 7.29 3.68 -22.97
CA PRO B 118 6.26 3.34 -23.96
C PRO B 118 6.49 2.00 -24.63
N SER B 119 7.70 1.46 -24.56
CA SER B 119 7.97 0.09 -25.02
C SER B 119 7.55 -0.95 -24.01
N GLY B 120 7.55 -0.60 -22.72
CA GLY B 120 7.44 -1.56 -21.64
C GLY B 120 8.73 -2.18 -21.18
N ASN B 121 9.86 -1.78 -21.73
CA ASN B 121 11.13 -2.37 -21.34
C ASN B 121 11.61 -1.83 -20.00
N TYR B 122 11.40 -0.54 -19.74
CA TYR B 122 11.98 0.15 -18.59
C TYR B 122 10.90 0.81 -17.77
N VAL B 123 11.17 0.98 -16.48
CA VAL B 123 10.42 1.89 -15.62
C VAL B 123 11.41 2.86 -14.97
N ALA B 124 10.92 4.05 -14.67
CA ALA B 124 11.70 5.10 -14.03
C ALA B 124 11.07 5.47 -12.70
N CYS B 125 11.91 5.93 -11.77
CA CYS B 125 11.42 6.41 -10.49
C CYS B 125 12.40 7.44 -9.95
N GLY B 126 11.90 8.32 -9.09
CA GLY B 126 12.74 9.35 -8.50
C GLY B 126 11.95 10.18 -7.51
N GLY B 127 12.68 11.02 -6.79
CA GLY B 127 12.08 11.89 -5.79
C GLY B 127 13.08 12.77 -5.06
N LEU B 128 13.04 12.74 -3.73
CA LEU B 128 13.89 13.63 -2.94
C LEU B 128 15.37 13.31 -3.09
N ASP B 129 15.70 12.14 -3.61
CA ASP B 129 17.02 11.86 -4.16
C ASP B 129 16.97 12.18 -5.65
N ASN B 130 17.88 13.04 -6.11
CA ASN B 130 17.71 13.70 -7.40
C ASN B 130 17.71 12.73 -8.57
N ILE B 131 18.10 11.48 -8.34
CA ILE B 131 18.26 10.51 -9.40
C ILE B 131 16.91 10.13 -10.00
N CYS B 132 16.84 10.04 -11.32
CA CYS B 132 15.80 9.27 -11.99
C CYS B 132 16.40 7.89 -12.28
N SER B 133 16.09 6.92 -11.42
CA SER B 133 16.59 5.57 -11.59
C SER B 133 15.80 4.85 -12.68
N ILE B 134 16.52 4.28 -13.64
CA ILE B 134 15.91 3.52 -14.72
C ILE B 134 16.09 2.03 -14.43
N TYR B 135 14.99 1.31 -14.42
CA TYR B 135 14.95 -0.10 -14.04
C TYR B 135 14.60 -0.94 -15.27
N ASN B 136 15.42 -1.96 -15.54
CA ASN B 136 15.22 -2.82 -16.70
C ASN B 136 14.33 -3.98 -16.28
N LEU B 137 13.10 -3.99 -16.80
CA LEU B 137 12.13 -5.03 -16.43
C LEU B 137 12.45 -6.39 -17.05
N LYS B 138 13.21 -6.41 -18.14
CA LYS B 138 13.28 -7.58 -19.02
C LYS B 138 14.71 -8.09 -19.16
N THR B 139 15.41 -8.18 -18.03
CA THR B 139 16.70 -8.83 -17.99
C THR B 139 16.56 -10.33 -18.26
N ARG B 140 17.68 -10.95 -18.65
CA ARG B 140 17.74 -12.40 -18.68
C ARG B 140 17.82 -13.02 -17.28
N GLU B 141 18.29 -12.26 -16.29
CA GLU B 141 18.44 -12.79 -14.95
C GLU B 141 17.16 -12.70 -14.14
N GLY B 142 16.12 -12.03 -14.65
CA GLY B 142 14.79 -12.09 -14.08
C GLY B 142 14.61 -11.35 -12.78
N ASN B 143 15.66 -10.78 -12.21
CA ASN B 143 15.54 -9.67 -11.29
C ASN B 143 15.52 -8.34 -12.04
N VAL B 144 15.02 -7.31 -11.37
CA VAL B 144 14.99 -5.96 -11.91
C VAL B 144 16.17 -5.19 -11.33
N ARG B 145 16.99 -4.61 -12.20
CA ARG B 145 18.21 -3.94 -11.79
C ARG B 145 18.28 -2.52 -12.36
N VAL B 146 19.00 -1.67 -11.64
CA VAL B 146 19.23 -0.28 -12.03
C VAL B 146 20.13 -0.27 -13.27
N SER B 147 19.60 0.19 -14.40
CA SER B 147 20.44 0.38 -15.57
C SER B 147 21.27 1.66 -15.48
N ARG B 148 20.67 2.77 -15.03
CA ARG B 148 21.40 4.01 -14.85
C ARG B 148 20.91 4.73 -13.60
N GLU B 149 21.84 5.36 -12.90
CA GLU B 149 21.53 6.39 -11.90
C GLU B 149 21.75 7.76 -12.53
N LEU B 150 20.68 8.34 -13.07
CA LEU B 150 20.77 9.67 -13.66
C LEU B 150 20.90 10.74 -12.57
N ALA B 151 22.14 11.12 -12.24
CA ALA B 151 22.44 11.73 -10.96
C ALA B 151 22.37 13.26 -10.97
N GLY B 152 22.80 13.90 -12.05
CA GLY B 152 23.17 15.30 -12.02
C GLY B 152 22.14 16.39 -11.79
N HIS B 153 20.94 16.07 -11.34
CA HIS B 153 20.07 17.13 -10.85
C HIS B 153 20.46 17.56 -9.44
N THR B 154 20.03 18.76 -9.07
CA THR B 154 20.38 19.35 -7.77
C THR B 154 19.18 19.55 -6.84
N GLY B 155 17.99 19.79 -7.38
CA GLY B 155 16.77 19.71 -6.58
C GLY B 155 16.27 18.30 -6.41
N TYR B 156 15.20 18.16 -5.63
CA TYR B 156 14.42 16.94 -5.68
C TYR B 156 13.80 16.76 -7.06
N LEU B 157 13.51 15.50 -7.39
CA LEU B 157 12.99 15.14 -8.71
C LEU B 157 11.48 14.92 -8.66
N SER B 158 10.77 15.59 -9.56
CA SER B 158 9.33 15.71 -9.46
C SER B 158 8.57 15.01 -10.58
N CYS B 159 9.21 14.80 -11.73
CA CYS B 159 8.61 14.03 -12.81
C CYS B 159 9.71 13.37 -13.64
N CYS B 160 9.46 12.13 -14.07
CA CYS B 160 10.16 11.54 -15.21
C CYS B 160 9.11 11.12 -16.23
N ARG B 161 9.44 11.26 -17.51
CA ARG B 161 8.61 10.73 -18.59
C ARG B 161 9.49 10.28 -19.74
N PHE B 162 9.38 9.01 -20.13
CA PHE B 162 10.17 8.51 -21.24
C PHE B 162 9.63 9.02 -22.57
N LEU B 163 10.55 9.42 -23.45
CA LEU B 163 10.23 9.66 -24.85
C LEU B 163 10.46 8.40 -25.68
N ASP B 164 11.50 7.66 -25.32
CA ASP B 164 11.93 6.44 -26.00
C ASP B 164 12.86 5.70 -25.06
N ASP B 165 13.19 4.47 -25.42
CA ASP B 165 14.08 3.66 -24.59
C ASP B 165 15.41 4.35 -24.30
N ASN B 166 15.84 5.29 -25.14
CA ASN B 166 17.12 5.96 -24.97
C ASN B 166 16.99 7.40 -24.48
N GLN B 167 15.79 7.94 -24.35
CA GLN B 167 15.63 9.32 -23.92
C GLN B 167 14.53 9.45 -22.88
N ILE B 168 14.82 10.18 -21.80
CA ILE B 168 13.85 10.49 -20.77
C ILE B 168 13.91 12.00 -20.49
N VAL B 169 12.75 12.61 -20.34
CA VAL B 169 12.64 14.01 -19.91
C VAL B 169 12.27 14.04 -18.43
N THR B 170 12.97 14.85 -17.67
CA THR B 170 12.90 14.83 -16.21
C THR B 170 12.78 16.25 -15.69
N SER B 171 11.93 16.44 -14.69
CA SER B 171 11.71 17.75 -14.07
C SER B 171 12.17 17.69 -12.62
N SER B 172 12.63 18.84 -12.13
CA SER B 172 13.30 18.89 -10.83
C SER B 172 12.66 19.97 -9.97
N GLY B 173 12.83 19.81 -8.66
CA GLY B 173 12.54 20.84 -7.69
C GLY B 173 13.46 22.05 -7.73
N ASP B 174 14.61 21.94 -8.39
CA ASP B 174 15.32 23.13 -8.81
C ASP B 174 14.63 23.78 -10.00
N THR B 175 15.27 24.83 -10.55
CA THR B 175 14.70 25.58 -11.67
C THR B 175 14.49 24.74 -12.92
N THR B 176 15.23 23.64 -13.09
CA THR B 176 15.48 23.12 -14.42
C THR B 176 14.53 21.97 -14.76
N CYS B 177 14.40 21.74 -16.06
CA CYS B 177 13.99 20.46 -16.64
C CYS B 177 15.14 19.96 -17.50
N ALA B 178 15.23 18.63 -17.63
CA ALA B 178 16.38 18.06 -18.31
C ALA B 178 15.99 16.83 -19.13
N LEU B 179 16.47 16.81 -20.37
CA LEU B 179 16.39 15.65 -21.24
C LEU B 179 17.68 14.84 -21.11
N TRP B 180 17.55 13.54 -20.94
CA TRP B 180 18.68 12.67 -20.67
C TRP B 180 18.82 11.63 -21.78
N ASP B 181 20.06 11.21 -22.00
CA ASP B 181 20.36 9.99 -22.74
C ASP B 181 20.72 8.91 -21.73
N ILE B 182 19.93 7.83 -21.71
CA ILE B 182 20.16 6.77 -20.74
C ILE B 182 21.50 6.08 -21.01
N GLU B 183 21.76 5.75 -22.29
CA GLU B 183 22.97 5.00 -22.63
C GLU B 183 24.24 5.66 -22.10
N THR B 184 24.32 6.99 -22.17
CA THR B 184 25.46 7.70 -21.62
C THR B 184 25.27 8.10 -20.16
N GLY B 185 24.03 8.35 -19.75
CA GLY B 185 23.79 8.89 -18.42
C GLY B 185 24.06 10.37 -18.29
N GLN B 186 23.96 11.12 -19.38
CA GLN B 186 24.29 12.53 -19.42
C GLN B 186 23.11 13.36 -19.90
N GLN B 187 23.04 14.60 -19.44
CA GLN B 187 22.01 15.52 -19.90
C GLN B 187 22.30 15.95 -21.33
N THR B 188 21.40 15.61 -22.25
CA THR B 188 21.51 16.11 -23.62
C THR B 188 20.91 17.50 -23.78
N THR B 189 19.99 17.90 -22.91
CA THR B 189 19.45 19.25 -22.91
C THR B 189 18.96 19.58 -21.52
N THR B 190 19.34 20.74 -21.00
CA THR B 190 18.73 21.31 -19.81
C THR B 190 17.81 22.46 -20.18
N PHE B 191 16.59 22.43 -19.67
CA PHE B 191 15.60 23.46 -19.92
C PHE B 191 15.49 24.34 -18.68
N THR B 192 15.74 25.64 -18.86
CA THR B 192 16.22 26.47 -17.77
C THR B 192 15.23 27.55 -17.33
N GLY B 193 14.32 27.96 -18.21
CA GLY B 193 13.59 29.20 -18.02
C GLY B 193 12.54 29.18 -16.93
N HIS B 194 12.28 28.04 -16.29
CA HIS B 194 11.38 28.01 -15.16
C HIS B 194 12.06 28.58 -13.92
N THR B 195 11.43 29.58 -13.30
CA THR B 195 12.02 30.23 -12.14
C THR B 195 11.81 29.42 -10.87
N GLY B 196 10.65 28.78 -10.72
CA GLY B 196 10.38 27.92 -9.60
C GLY B 196 10.60 26.44 -9.85
N ASP B 197 10.27 25.65 -8.83
CA ASP B 197 10.27 24.20 -8.92
C ASP B 197 9.36 23.76 -10.05
N VAL B 198 9.87 22.93 -10.94
CA VAL B 198 9.11 22.34 -12.04
C VAL B 198 8.43 21.09 -11.51
N MET B 199 7.15 21.22 -11.16
CA MET B 199 6.39 20.12 -10.59
C MET B 199 6.19 18.97 -11.58
N SER B 200 5.78 19.29 -12.81
CA SER B 200 5.09 18.28 -13.62
C SER B 200 5.41 18.48 -15.09
N LEU B 201 5.36 17.36 -15.82
CA LEU B 201 5.57 17.30 -17.26
C LEU B 201 4.48 16.45 -17.89
N SER B 202 4.16 16.75 -19.13
CA SER B 202 3.54 15.77 -20.02
C SER B 202 4.14 15.90 -21.41
N LEU B 203 4.48 14.76 -22.00
CA LEU B 203 4.86 14.70 -23.40
C LEU B 203 3.64 14.72 -24.31
N ALA B 204 3.75 15.49 -25.39
CA ALA B 204 2.74 15.46 -26.44
C ALA B 204 2.72 14.08 -27.11
N PRO B 205 1.58 13.71 -27.73
CA PRO B 205 1.50 12.41 -28.40
C PRO B 205 2.59 12.16 -29.43
N ASP B 206 3.12 13.21 -30.06
CA ASP B 206 4.19 13.05 -31.04
C ASP B 206 5.56 12.93 -30.38
N THR B 207 5.68 13.23 -29.08
CA THR B 207 6.94 13.40 -28.38
C THR B 207 7.86 14.44 -29.01
N ARG B 208 7.31 15.35 -29.83
CA ARG B 208 8.11 16.45 -30.33
C ARG B 208 8.16 17.63 -29.36
N LEU B 209 7.16 17.75 -28.50
CA LEU B 209 7.07 18.82 -27.51
C LEU B 209 6.73 18.22 -26.15
N PHE B 210 7.09 18.96 -25.10
CA PHE B 210 6.51 18.73 -23.79
C PHE B 210 6.19 20.06 -23.13
N VAL B 211 5.25 20.02 -22.20
CA VAL B 211 4.82 21.18 -21.44
C VAL B 211 5.09 20.95 -19.96
N SER B 212 5.53 22.00 -19.27
CA SER B 212 6.08 21.89 -17.93
C SER B 212 5.39 22.88 -17.01
N GLY B 213 4.78 22.38 -15.94
CA GLY B 213 4.14 23.20 -14.93
C GLY B 213 5.09 23.44 -13.77
N ALA B 214 5.04 24.65 -13.20
CA ALA B 214 5.95 25.02 -12.14
C ALA B 214 5.22 25.82 -11.07
N CYS B 215 5.88 25.93 -9.91
CA CYS B 215 5.35 26.63 -8.75
C CYS B 215 5.29 28.14 -8.94
N ASP B 216 5.99 28.68 -9.93
CA ASP B 216 5.83 30.07 -10.33
C ASP B 216 4.55 30.34 -11.10
N ALA B 217 3.59 29.41 -11.09
CA ALA B 217 2.30 29.52 -11.75
C ALA B 217 2.38 29.66 -13.26
N SER B 218 3.57 29.50 -13.84
CA SER B 218 3.72 29.46 -15.28
C SER B 218 3.70 28.03 -15.78
N ALA B 219 3.26 27.86 -17.03
CA ALA B 219 3.55 26.69 -17.82
C ALA B 219 4.42 27.10 -19.01
N LYS B 220 5.43 26.28 -19.32
CA LYS B 220 6.29 26.52 -20.46
C LYS B 220 6.23 25.33 -21.41
N LEU B 221 6.10 25.62 -22.70
CA LEU B 221 6.13 24.62 -23.75
C LEU B 221 7.55 24.59 -24.31
N TRP B 222 8.16 23.40 -24.32
CA TRP B 222 9.57 23.24 -24.67
C TRP B 222 9.68 22.42 -25.95
N ASP B 223 10.46 22.93 -26.91
CA ASP B 223 10.89 22.14 -28.04
C ASP B 223 11.95 21.16 -27.58
N VAL B 224 11.62 19.86 -27.62
CA VAL B 224 12.53 18.84 -27.13
C VAL B 224 13.89 18.94 -27.81
N ARG B 225 13.89 19.19 -29.13
CA ARG B 225 15.12 19.09 -29.91
C ARG B 225 15.87 20.43 -29.96
N GLU B 226 15.14 21.54 -30.04
CA GLU B 226 15.78 22.85 -30.13
C GLU B 226 16.19 23.38 -28.76
N GLY B 227 15.53 22.93 -27.69
CA GLY B 227 15.78 23.46 -26.36
C GLY B 227 15.02 24.72 -26.02
N MET B 228 14.43 25.39 -27.01
CA MET B 228 13.81 26.69 -26.81
C MET B 228 12.47 26.54 -26.11
N CYS B 229 12.18 27.45 -25.19
CA CYS B 229 10.81 27.65 -24.70
C CYS B 229 9.99 28.34 -25.79
N ARG B 230 9.01 27.62 -26.33
CA ARG B 230 8.19 28.17 -27.42
C ARG B 230 7.11 29.10 -26.91
N GLN B 231 6.52 28.84 -25.75
CA GLN B 231 5.42 29.64 -25.24
C GLN B 231 5.41 29.57 -23.72
N THR B 232 4.93 30.63 -23.10
CA THR B 232 4.60 30.66 -21.68
C THR B 232 3.11 30.87 -21.49
N PHE B 233 2.57 30.27 -20.43
CA PHE B 233 1.18 30.44 -20.05
C PHE B 233 1.13 30.69 -18.55
N THR B 234 0.36 31.69 -18.14
CA THR B 234 0.52 32.25 -16.80
C THR B 234 -0.81 32.52 -16.10
N GLY B 235 -1.91 31.95 -16.60
CA GLY B 235 -3.22 32.32 -16.09
C GLY B 235 -3.53 31.79 -14.71
N HIS B 236 -2.67 30.94 -14.16
CA HIS B 236 -2.92 30.35 -12.86
C HIS B 236 -2.49 31.28 -11.73
N GLU B 237 -3.26 31.26 -10.64
CA GLU B 237 -2.98 32.09 -9.48
C GLU B 237 -1.92 31.50 -8.55
N SER B 238 -1.56 30.24 -8.72
CA SER B 238 -0.63 29.57 -7.82
C SER B 238 -0.05 28.35 -8.52
N ASP B 239 0.66 27.52 -7.76
CA ASP B 239 1.43 26.40 -8.30
C ASP B 239 0.60 25.55 -9.26
N ILE B 240 1.18 25.27 -10.43
CA ILE B 240 0.65 24.26 -11.35
C ILE B 240 1.13 22.89 -10.90
N ASN B 241 0.45 22.33 -9.90
CA ASN B 241 0.82 21.03 -9.35
C ASN B 241 0.80 19.93 -10.40
N ALA B 242 -0.10 20.02 -11.40
CA ALA B 242 -0.25 18.96 -12.37
C ALA B 242 -0.51 19.54 -13.76
N ILE B 243 -0.12 18.76 -14.77
CA ILE B 243 -0.28 19.15 -16.17
C ILE B 243 -0.51 17.89 -17.00
N CYS B 244 -1.31 18.03 -18.05
CA CYS B 244 -1.50 16.95 -19.01
C CYS B 244 -1.83 17.53 -20.38
N PHE B 245 -1.26 16.94 -21.42
CA PHE B 245 -1.65 17.25 -22.79
C PHE B 245 -3.01 16.67 -23.14
N PHE B 246 -3.82 17.49 -23.80
CA PHE B 246 -5.03 17.01 -24.45
C PHE B 246 -4.65 16.10 -25.62
N PRO B 247 -5.37 15.00 -25.83
CA PRO B 247 -4.81 13.86 -26.57
C PRO B 247 -4.50 14.13 -28.03
N ASN B 248 -4.79 15.32 -28.55
CA ASN B 248 -4.38 15.69 -29.90
C ASN B 248 -3.08 16.49 -29.94
N GLY B 249 -2.59 16.92 -28.78
CA GLY B 249 -1.35 17.67 -28.68
C GLY B 249 -1.48 19.16 -28.92
N ASN B 250 -2.68 19.64 -29.23
CA ASN B 250 -2.91 21.05 -29.50
C ASN B 250 -3.26 21.85 -28.26
N ALA B 251 -3.64 21.18 -27.17
CA ALA B 251 -4.01 21.86 -25.94
C ALA B 251 -3.54 21.04 -24.74
N PHE B 252 -3.49 21.70 -23.58
CA PHE B 252 -3.11 21.04 -22.34
C PHE B 252 -3.88 21.63 -21.17
N ALA B 253 -4.12 20.79 -20.17
CA ALA B 253 -4.82 21.14 -18.94
C ALA B 253 -3.85 21.26 -17.78
N THR B 254 -4.02 22.29 -16.95
CA THR B 254 -3.11 22.61 -15.87
C THR B 254 -3.86 22.62 -14.54
N GLY B 255 -3.56 21.67 -13.67
CA GLY B 255 -4.13 21.63 -12.34
C GLY B 255 -3.32 22.51 -11.40
N SER B 256 -4.02 23.28 -10.57
CA SER B 256 -3.35 24.15 -9.62
C SER B 256 -3.90 23.97 -8.20
N ASP B 257 -3.04 24.29 -7.24
CA ASP B 257 -3.41 24.45 -5.83
C ASP B 257 -4.36 25.61 -5.59
N ASP B 258 -4.56 26.48 -6.59
CA ASP B 258 -5.58 27.53 -6.51
C ASP B 258 -7.02 27.00 -6.60
N ALA B 259 -7.15 25.67 -6.59
CA ALA B 259 -8.41 24.94 -6.66
C ALA B 259 -9.09 25.04 -8.02
N THR B 260 -8.37 25.44 -9.06
CA THR B 260 -8.93 25.49 -10.40
C THR B 260 -8.12 24.60 -11.33
N CYS B 261 -8.73 24.18 -12.43
CA CYS B 261 -8.03 23.72 -13.60
C CYS B 261 -8.29 24.66 -14.77
N ARG B 262 -7.27 24.83 -15.60
CA ARG B 262 -7.37 25.68 -16.78
C ARG B 262 -6.93 24.90 -18.01
N LEU B 263 -7.66 25.09 -19.11
CA LEU B 263 -7.29 24.54 -20.40
C LEU B 263 -6.61 25.61 -21.24
N PHE B 264 -5.41 25.31 -21.70
CA PHE B 264 -4.62 26.18 -22.55
C PHE B 264 -4.46 25.51 -23.91
N ASP B 265 -4.61 26.29 -24.98
CA ASP B 265 -4.35 25.80 -26.33
C ASP B 265 -3.06 26.44 -26.85
N LEU B 266 -2.21 25.61 -27.44
CA LEU B 266 -0.90 26.08 -27.89
C LEU B 266 -1.04 27.12 -28.99
N ARG B 267 -1.94 26.90 -29.95
CA ARG B 267 -2.12 27.88 -31.01
C ARG B 267 -2.84 29.12 -30.54
N ALA B 268 -3.78 28.97 -29.59
CA ALA B 268 -4.41 30.16 -29.01
C ALA B 268 -3.45 30.99 -28.19
N ASP B 269 -2.40 30.36 -27.64
CA ASP B 269 -1.49 30.97 -26.68
C ASP B 269 -2.23 31.46 -25.42
N GLN B 270 -3.38 30.88 -25.10
CA GLN B 270 -4.33 31.56 -24.23
C GLN B 270 -5.15 30.52 -23.48
N GLU B 271 -5.69 30.94 -22.33
CA GLU B 271 -6.65 30.15 -21.59
C GLU B 271 -8.00 30.11 -22.29
N LEU B 272 -8.51 28.91 -22.50
CA LEU B 272 -9.81 28.72 -23.14
C LEU B 272 -10.94 28.62 -22.12
N MET B 273 -10.71 27.90 -21.02
CA MET B 273 -11.76 27.73 -20.01
C MET B 273 -11.13 27.41 -18.67
N THR B 274 -11.80 27.85 -17.61
CA THR B 274 -11.42 27.56 -16.23
C THR B 274 -12.46 26.65 -15.58
N TYR B 275 -12.00 25.60 -14.92
CA TYR B 275 -12.87 24.68 -14.21
C TYR B 275 -12.78 24.98 -12.72
N SER B 276 -13.89 25.41 -12.13
CA SER B 276 -13.91 25.78 -10.72
C SER B 276 -15.32 25.69 -10.19
N HIS B 277 -15.43 25.63 -8.86
CA HIS B 277 -16.71 25.69 -8.18
C HIS B 277 -16.47 26.21 -6.77
N ASP B 278 -17.51 26.84 -6.20
CA ASP B 278 -17.38 27.38 -4.85
C ASP B 278 -17.12 26.28 -3.82
N ASN B 279 -17.66 25.08 -4.04
CA ASN B 279 -17.42 23.96 -3.14
C ASN B 279 -15.98 23.45 -3.22
N ILE B 280 -15.27 23.78 -4.30
CA ILE B 280 -13.96 23.20 -4.58
C ILE B 280 -12.90 24.19 -4.12
N ILE B 281 -12.54 24.11 -2.85
CA ILE B 281 -11.40 24.87 -2.33
C ILE B 281 -10.14 24.03 -2.23
N CYS B 282 -10.25 22.70 -2.30
CA CYS B 282 -9.09 21.82 -2.42
C CYS B 282 -8.31 22.09 -3.69
N GLY B 283 -6.98 22.04 -3.58
CA GLY B 283 -6.14 22.05 -4.76
C GLY B 283 -6.31 20.81 -5.62
N ILE B 284 -5.79 20.90 -6.84
CA ILE B 284 -5.78 19.79 -7.79
C ILE B 284 -4.41 19.13 -7.79
N THR B 285 -4.40 17.80 -7.65
CA THR B 285 -3.17 17.03 -7.50
C THR B 285 -2.72 16.39 -8.80
N SER B 286 -3.66 16.00 -9.67
CA SER B 286 -3.34 15.34 -10.94
C SER B 286 -4.46 15.60 -11.92
N VAL B 287 -4.10 15.60 -13.21
CA VAL B 287 -5.07 15.69 -14.29
C VAL B 287 -4.68 14.73 -15.41
N SER B 288 -5.69 14.19 -16.08
CA SER B 288 -5.50 13.43 -17.32
C SER B 288 -6.81 13.45 -18.10
N PHE B 289 -6.71 13.19 -19.39
CA PHE B 289 -7.85 13.22 -20.28
C PHE B 289 -8.25 11.82 -20.69
N SER B 290 -9.55 11.63 -20.90
CA SER B 290 -10.03 10.46 -21.61
C SER B 290 -9.56 10.52 -23.06
N LYS B 291 -9.48 9.34 -23.69
CA LYS B 291 -8.84 9.25 -25.00
C LYS B 291 -9.50 10.18 -26.01
N SER B 292 -10.81 10.40 -25.90
CA SER B 292 -11.50 11.36 -26.75
C SER B 292 -11.17 12.81 -26.42
N GLY B 293 -10.52 13.07 -25.28
CA GLY B 293 -10.40 14.42 -24.78
C GLY B 293 -11.66 15.02 -24.18
N ARG B 294 -12.80 14.34 -24.28
CA ARG B 294 -14.06 14.93 -23.84
C ARG B 294 -14.15 15.03 -22.33
N LEU B 295 -13.64 14.03 -21.61
CA LEU B 295 -13.57 14.09 -20.16
C LEU B 295 -12.16 14.48 -19.72
N LEU B 296 -12.09 15.51 -18.88
CA LEU B 296 -10.90 15.82 -18.10
C LEU B 296 -11.12 15.36 -16.66
N LEU B 297 -10.28 14.45 -16.19
CA LEU B 297 -10.37 13.94 -14.83
C LEU B 297 -9.32 14.62 -13.96
N ALA B 298 -9.75 15.15 -12.83
CA ALA B 298 -8.90 15.91 -11.92
C ALA B 298 -8.97 15.31 -10.52
N GLY B 299 -7.81 15.06 -9.92
CA GLY B 299 -7.75 14.61 -8.54
C GLY B 299 -7.55 15.80 -7.62
N TYR B 300 -8.06 15.67 -6.40
CA TYR B 300 -8.13 16.80 -5.48
C TYR B 300 -7.54 16.44 -4.11
N ASP B 301 -7.30 17.48 -3.31
CA ASP B 301 -7.00 17.29 -1.90
C ASP B 301 -8.22 16.78 -1.14
N ASP B 302 -9.42 17.16 -1.57
CA ASP B 302 -10.61 16.40 -1.21
C ASP B 302 -10.51 14.98 -1.74
N PHE B 303 -11.09 14.04 -1.01
CA PHE B 303 -10.88 12.63 -1.26
C PHE B 303 -11.73 12.17 -2.45
N ASN B 304 -11.64 12.90 -3.56
CA ASN B 304 -12.49 12.69 -4.71
C ASN B 304 -11.66 12.89 -5.97
N CYS B 305 -12.09 12.26 -7.05
CA CYS B 305 -11.79 12.68 -8.41
C CYS B 305 -13.04 13.24 -9.05
N ASN B 306 -12.94 14.42 -9.65
CA ASN B 306 -14.02 14.99 -10.42
C ASN B 306 -13.79 14.78 -11.91
N VAL B 307 -14.85 14.40 -12.61
CA VAL B 307 -14.85 14.25 -14.06
C VAL B 307 -15.42 15.52 -14.65
N TRP B 308 -14.62 16.24 -15.43
CA TRP B 308 -15.03 17.49 -16.04
C TRP B 308 -15.22 17.27 -17.54
N ASP B 309 -16.32 17.81 -18.07
CA ASP B 309 -16.47 17.96 -19.52
C ASP B 309 -15.51 19.04 -19.98
N ALA B 310 -14.43 18.63 -20.66
CA ALA B 310 -13.39 19.59 -21.03
C ALA B 310 -13.92 20.68 -21.95
N LEU B 311 -14.99 20.39 -22.70
CA LEU B 311 -15.62 21.40 -23.53
C LEU B 311 -16.60 22.26 -22.73
N LYS B 312 -17.60 21.61 -22.12
CA LYS B 312 -18.69 22.34 -21.48
C LYS B 312 -18.30 22.94 -20.13
N ALA B 313 -17.23 22.44 -19.51
CA ALA B 313 -16.75 22.93 -18.21
C ALA B 313 -17.81 22.77 -17.13
N ASP B 314 -18.24 21.53 -16.92
CA ASP B 314 -19.10 21.20 -15.78
C ASP B 314 -18.79 19.79 -15.30
N ARG B 315 -19.20 19.51 -14.07
CA ARG B 315 -18.95 18.21 -13.45
C ARG B 315 -19.83 17.15 -14.11
N ALA B 316 -19.21 16.27 -14.89
CA ALA B 316 -19.91 15.09 -15.38
C ALA B 316 -20.13 14.07 -14.27
N GLY B 317 -19.25 14.02 -13.28
CA GLY B 317 -19.37 13.01 -12.24
C GLY B 317 -18.23 13.14 -11.24
N VAL B 318 -18.33 12.34 -10.19
CA VAL B 318 -17.33 12.31 -9.12
C VAL B 318 -17.03 10.87 -8.80
N LEU B 319 -15.74 10.52 -8.77
CA LEU B 319 -15.27 9.20 -8.35
C LEU B 319 -14.98 9.24 -6.86
N ALA B 320 -15.92 8.74 -6.06
CA ALA B 320 -15.97 9.02 -4.64
C ALA B 320 -15.10 8.10 -3.80
N GLY B 321 -14.63 7.00 -4.37
CA GLY B 321 -14.24 5.83 -3.59
C GLY B 321 -12.93 5.93 -2.82
N HIS B 322 -12.49 7.14 -2.53
CA HIS B 322 -11.24 7.35 -1.81
C HIS B 322 -11.50 7.98 -0.44
N ASP B 323 -10.56 7.73 0.47
CA ASP B 323 -10.62 8.27 1.83
C ASP B 323 -9.36 9.06 2.17
N ASN B 324 -8.54 9.40 1.18
CA ASN B 324 -7.42 10.30 1.36
C ASN B 324 -7.15 11.00 0.04
N ARG B 325 -6.14 11.87 0.05
CA ARG B 325 -5.78 12.64 -1.14
C ARG B 325 -5.51 11.73 -2.33
N VAL B 326 -6.24 11.95 -3.41
CA VAL B 326 -5.89 11.37 -4.71
C VAL B 326 -4.58 11.96 -5.18
N SER B 327 -3.51 11.14 -5.19
CA SER B 327 -2.20 11.65 -5.55
C SER B 327 -1.94 11.61 -7.05
N CYS B 328 -2.45 10.61 -7.76
CA CYS B 328 -2.13 10.41 -9.16
C CYS B 328 -3.33 9.83 -9.89
N LEU B 329 -3.42 10.13 -11.18
CA LEU B 329 -4.63 9.87 -11.96
C LEU B 329 -4.19 9.61 -13.40
N GLY B 330 -4.01 8.34 -13.74
CA GLY B 330 -3.69 7.94 -15.10
C GLY B 330 -4.92 7.40 -15.82
N VAL B 331 -5.07 7.82 -17.08
CA VAL B 331 -6.04 7.25 -18.00
C VAL B 331 -5.30 6.46 -19.06
N THR B 332 -5.74 5.23 -19.32
CA THR B 332 -5.05 4.36 -20.26
C THR B 332 -5.04 4.98 -21.65
N ASP B 333 -4.05 4.57 -22.46
CA ASP B 333 -4.01 5.03 -23.85
C ASP B 333 -5.25 4.59 -24.63
N ASP B 334 -5.84 3.47 -24.25
CA ASP B 334 -7.08 3.02 -24.89
C ASP B 334 -8.29 3.84 -24.45
N GLY B 335 -8.18 4.59 -23.36
CA GLY B 335 -9.36 5.12 -22.71
C GLY B 335 -10.19 4.09 -21.97
N MET B 336 -9.68 2.88 -21.80
CA MET B 336 -10.47 1.79 -21.24
C MET B 336 -10.78 2.01 -19.76
N ALA B 337 -9.84 2.58 -19.01
CA ALA B 337 -10.00 2.69 -17.57
C ALA B 337 -9.25 3.91 -17.06
N VAL B 338 -9.65 4.37 -15.87
CA VAL B 338 -8.99 5.43 -15.14
C VAL B 338 -8.42 4.85 -13.85
N ALA B 339 -7.12 5.05 -13.64
CA ALA B 339 -6.45 4.63 -12.41
C ALA B 339 -6.26 5.83 -11.49
N THR B 340 -6.64 5.67 -10.22
CA THR B 340 -6.61 6.75 -9.24
C THR B 340 -5.81 6.28 -8.03
N GLY B 341 -4.54 6.67 -7.97
CA GLY B 341 -3.74 6.41 -6.79
C GLY B 341 -4.01 7.42 -5.68
N SER B 342 -3.86 6.96 -4.45
CA SER B 342 -4.19 7.80 -3.31
C SER B 342 -3.25 7.52 -2.15
N TRP B 343 -3.15 8.51 -1.26
CA TRP B 343 -2.56 8.35 0.06
C TRP B 343 -3.30 7.36 0.95
N ASP B 344 -4.44 6.85 0.48
CA ASP B 344 -5.05 5.68 1.11
C ASP B 344 -4.15 4.46 1.13
N SER B 345 -3.13 4.42 0.25
CA SER B 345 -2.35 3.24 -0.11
C SER B 345 -3.11 2.33 -1.08
N PHE B 346 -4.42 2.49 -1.19
CA PHE B 346 -5.17 1.76 -2.20
C PHE B 346 -5.03 2.43 -3.55
N LEU B 347 -4.97 1.61 -4.60
CA LEU B 347 -4.98 2.06 -5.98
C LEU B 347 -6.21 1.49 -6.68
N LYS B 348 -7.14 2.35 -7.06
CA LYS B 348 -8.45 1.96 -7.55
C LYS B 348 -8.57 2.24 -9.04
N ILE B 349 -8.98 1.22 -9.79
CA ILE B 349 -9.12 1.29 -11.25
C ILE B 349 -10.59 1.47 -11.58
N TRP B 350 -10.88 2.47 -12.40
CA TRP B 350 -12.24 2.96 -12.62
C TRP B 350 -12.58 2.90 -14.10
N ASN B 351 -13.78 2.45 -14.41
CA ASN B 351 -14.45 2.82 -15.66
C ASN B 351 -15.97 2.67 -15.58
N GLU C 38 -46.01 -11.68 41.68
CA GLU C 38 -44.91 -10.72 41.76
C GLU C 38 -45.05 -9.63 40.71
N TRP C 39 -44.75 -8.39 41.11
CA TRP C 39 -44.76 -7.26 40.19
C TRP C 39 -43.45 -7.09 39.42
N GLN C 40 -42.34 -7.61 39.96
CA GLN C 40 -41.01 -7.33 39.42
C GLN C 40 -40.76 -7.82 37.99
N PRO C 41 -41.48 -8.81 37.46
CA PRO C 41 -41.32 -9.11 36.03
C PRO C 41 -41.56 -7.91 35.11
N ALA C 42 -42.36 -6.93 35.53
CA ALA C 42 -42.48 -5.70 34.74
C ALA C 42 -41.16 -4.93 34.62
N VAL C 43 -40.47 -4.73 35.75
CA VAL C 43 -39.18 -4.05 35.69
C VAL C 43 -38.10 -4.91 35.03
N GLN C 44 -38.27 -6.23 35.08
CA GLN C 44 -37.46 -7.10 34.21
C GLN C 44 -37.71 -6.79 32.74
N ILE C 45 -38.97 -6.88 32.30
CA ILE C 45 -39.29 -6.62 30.90
C ILE C 45 -38.71 -5.27 30.47
N LEU C 46 -38.90 -4.25 31.31
CA LEU C 46 -38.47 -2.90 30.98
C LEU C 46 -36.96 -2.82 30.81
N LEU C 47 -36.21 -3.22 31.84
CA LEU C 47 -34.77 -3.01 31.83
C LEU C 47 -34.07 -3.94 30.85
N TYR C 48 -34.57 -5.17 30.68
CA TYR C 48 -34.08 -6.02 29.62
C TYR C 48 -34.33 -5.42 28.24
N SER C 49 -35.54 -4.91 27.99
CA SER C 49 -35.82 -4.29 26.70
C SER C 49 -34.89 -3.12 26.42
N LEU C 50 -34.68 -2.27 27.43
CA LEU C 50 -33.78 -1.13 27.29
C LEU C 50 -32.34 -1.56 27.02
N ILE C 51 -31.79 -2.47 27.83
CA ILE C 51 -30.39 -2.83 27.67
C ILE C 51 -30.18 -3.70 26.44
N PHE C 52 -31.20 -4.44 26.00
CA PHE C 52 -31.18 -5.09 24.69
C PHE C 52 -31.07 -4.06 23.58
N LEU C 53 -31.98 -3.09 23.56
CA LEU C 53 -31.96 -2.08 22.51
C LEU C 53 -30.60 -1.35 22.46
N LEU C 54 -30.16 -0.82 23.60
CA LEU C 54 -28.87 -0.13 23.68
C LEU C 54 -27.67 -1.03 23.35
N SER C 55 -27.79 -2.34 23.57
CA SER C 55 -26.68 -3.23 23.23
C SER C 55 -26.66 -3.58 21.75
N VAL C 56 -27.82 -3.92 21.17
CA VAL C 56 -27.86 -4.20 19.74
C VAL C 56 -27.47 -2.96 18.96
N LEU C 57 -27.94 -1.78 19.38
CA LEU C 57 -27.51 -0.55 18.74
C LEU C 57 -26.00 -0.37 18.87
N GLY C 58 -25.50 -0.27 20.11
CA GLY C 58 -24.08 -0.02 20.32
C GLY C 58 -23.16 -0.95 19.56
N ASN C 59 -23.43 -2.26 19.63
CA ASN C 59 -22.61 -3.23 18.90
C ASN C 59 -22.78 -3.12 17.39
N THR C 60 -23.99 -2.95 16.89
CA THR C 60 -24.17 -2.80 15.44
C THR C 60 -23.42 -1.58 14.92
N LEU C 61 -23.44 -0.48 15.67
CA LEU C 61 -22.71 0.71 15.28
C LEU C 61 -21.20 0.51 15.33
N VAL C 62 -20.69 -0.14 16.38
CA VAL C 62 -19.25 -0.45 16.43
C VAL C 62 -18.85 -1.35 15.26
N ILE C 63 -19.70 -2.30 14.91
CA ILE C 63 -19.41 -3.18 13.78
C ILE C 63 -19.36 -2.39 12.47
N THR C 64 -20.42 -1.62 12.19
CA THR C 64 -20.44 -0.85 10.96
C THR C 64 -19.28 0.13 10.87
N VAL C 65 -18.93 0.79 11.98
CA VAL C 65 -17.78 1.70 11.96
C VAL C 65 -16.50 0.94 11.64
N LEU C 66 -16.27 -0.19 12.30
CA LEU C 66 -14.96 -0.83 12.19
C LEU C 66 -14.80 -1.59 10.88
N ILE C 67 -15.89 -2.11 10.32
CA ILE C 67 -15.82 -2.72 8.99
C ILE C 67 -15.76 -1.67 7.89
N ARG C 68 -16.55 -0.60 8.00
CA ARG C 68 -16.70 0.34 6.90
C ARG C 68 -15.62 1.41 6.86
N ASN C 69 -14.65 1.39 7.78
CA ASN C 69 -13.52 2.32 7.73
C ASN C 69 -12.26 1.56 8.12
N LYS C 70 -11.63 0.93 7.12
CA LYS C 70 -10.46 0.09 7.38
C LYS C 70 -9.31 0.88 8.00
N ARG C 71 -9.25 2.19 7.79
CA ARG C 71 -8.30 3.05 8.50
C ARG C 71 -8.53 3.07 10.00
N MET C 72 -9.71 2.67 10.48
CA MET C 72 -9.91 2.44 11.90
C MET C 72 -9.36 1.10 12.37
N ARG C 73 -9.14 0.14 11.47
CA ARG C 73 -8.93 -1.25 11.85
C ARG C 73 -7.50 -1.51 12.32
N THR C 74 -7.01 -0.73 13.28
CA THR C 74 -5.79 -1.08 13.98
C THR C 74 -6.02 -2.28 14.90
N VAL C 75 -4.90 -2.85 15.38
CA VAL C 75 -4.93 -4.04 16.22
C VAL C 75 -5.93 -3.87 17.38
N THR C 76 -5.87 -2.72 18.06
CA THR C 76 -6.78 -2.49 19.17
C THR C 76 -8.24 -2.46 18.70
N ASN C 77 -8.48 -1.85 17.54
CA ASN C 77 -9.84 -1.81 17.03
C ASN C 77 -10.29 -3.14 16.46
N ILE C 78 -9.37 -3.93 15.89
CA ILE C 78 -9.67 -5.32 15.56
C ILE C 78 -10.13 -6.11 16.79
N PHE C 79 -9.44 -5.94 17.91
CA PHE C 79 -9.92 -6.52 19.17
C PHE C 79 -11.27 -5.96 19.58
N LEU C 80 -11.48 -4.66 19.41
CA LEU C 80 -12.78 -4.08 19.76
C LEU C 80 -13.89 -4.58 18.85
N LEU C 81 -13.57 -4.91 17.60
CA LEU C 81 -14.51 -5.60 16.72
C LEU C 81 -14.86 -6.98 17.24
N SER C 82 -13.85 -7.75 17.64
CA SER C 82 -14.12 -9.08 18.20
C SER C 82 -14.96 -8.97 19.47
N LEU C 83 -14.68 -7.95 20.30
CA LEU C 83 -15.47 -7.70 21.50
C LEU C 83 -16.91 -7.37 21.17
N ALA C 84 -17.13 -6.43 20.25
CA ALA C 84 -18.49 -6.02 19.90
C ALA C 84 -19.28 -7.17 19.25
N VAL C 85 -18.62 -7.98 18.43
CA VAL C 85 -19.24 -9.20 17.92
C VAL C 85 -19.65 -10.13 19.05
N SER C 86 -18.74 -10.39 19.99
CA SER C 86 -19.07 -11.25 21.12
C SER C 86 -20.18 -10.67 22.00
N ASP C 87 -20.24 -9.35 22.15
CA ASP C 87 -21.31 -8.74 22.95
C ASP C 87 -22.65 -8.69 22.23
N LEU C 88 -22.65 -8.58 20.90
CA LEU C 88 -23.87 -8.80 20.14
C LEU C 88 -24.34 -10.24 20.25
N MET C 89 -23.42 -11.19 20.20
CA MET C 89 -23.77 -12.58 20.41
C MET C 89 -24.33 -12.82 21.81
N LEU C 90 -23.73 -12.20 22.83
CA LEU C 90 -24.32 -12.18 24.16
C LEU C 90 -25.74 -11.65 24.13
N CYS C 91 -25.96 -10.54 23.45
CA CYS C 91 -27.27 -9.89 23.50
C CYS C 91 -28.35 -10.76 22.86
N LEU C 92 -28.07 -11.25 21.65
CA LEU C 92 -29.02 -12.08 20.91
C LEU C 92 -29.22 -13.45 21.53
N PHE C 93 -28.16 -14.12 21.97
CA PHE C 93 -28.32 -15.49 22.44
C PHE C 93 -28.57 -15.62 23.93
N CYS C 94 -28.32 -14.59 24.74
CA CYS C 94 -28.77 -14.61 26.13
C CYS C 94 -30.11 -13.92 26.33
N MET C 95 -30.22 -12.62 25.98
CA MET C 95 -31.27 -11.80 26.58
C MET C 95 -32.67 -12.34 26.34
N PRO C 96 -33.12 -12.57 25.09
CA PRO C 96 -34.44 -13.19 24.93
C PRO C 96 -34.56 -14.54 25.58
N PHE C 97 -33.54 -15.40 25.41
CA PHE C 97 -33.53 -16.76 25.94
C PHE C 97 -33.39 -16.81 27.46
N ASN C 98 -33.17 -15.68 28.12
CA ASN C 98 -33.16 -15.62 29.57
C ASN C 98 -34.34 -14.85 30.15
N LEU C 99 -34.89 -13.89 29.40
CA LEU C 99 -36.13 -13.23 29.83
C LEU C 99 -37.34 -14.12 29.57
N ILE C 100 -37.62 -14.40 28.29
CA ILE C 100 -38.88 -15.07 27.93
C ILE C 100 -39.02 -16.43 28.61
N PRO C 101 -38.00 -17.29 28.68
CA PRO C 101 -38.08 -18.47 29.53
C PRO C 101 -38.31 -18.19 31.01
N ASN C 102 -37.87 -17.04 31.52
CA ASN C 102 -38.18 -16.65 32.89
C ASN C 102 -39.52 -15.94 33.03
N LEU C 103 -40.03 -15.33 31.96
CA LEU C 103 -41.38 -14.77 32.01
C LEU C 103 -42.43 -15.88 31.96
N LEU C 104 -42.24 -16.88 31.10
CA LEU C 104 -43.14 -18.02 31.02
C LEU C 104 -42.81 -19.12 32.02
N LYS C 105 -41.60 -19.11 32.58
CA LYS C 105 -41.14 -20.15 33.50
C LYS C 105 -41.18 -21.54 32.86
N ASP C 106 -40.78 -21.61 31.58
CA ASP C 106 -40.70 -22.86 30.85
C ASP C 106 -39.88 -22.62 29.58
N PHE C 107 -39.06 -23.60 29.23
CA PHE C 107 -38.22 -23.48 28.02
C PHE C 107 -39.01 -24.01 26.83
N ILE C 108 -39.78 -23.11 26.21
CA ILE C 108 -40.70 -23.50 25.15
C ILE C 108 -39.98 -24.07 23.93
N PHE C 109 -38.72 -23.67 23.71
CA PHE C 109 -38.11 -23.89 22.40
C PHE C 109 -37.61 -25.31 22.17
N GLY C 110 -37.45 -26.12 23.22
CA GLY C 110 -37.00 -27.49 23.06
C GLY C 110 -35.49 -27.71 23.16
N SER C 111 -35.15 -29.00 23.31
CA SER C 111 -33.85 -29.42 23.82
C SER C 111 -32.69 -28.94 22.96
N ALA C 112 -32.85 -29.02 21.63
CA ALA C 112 -31.78 -28.59 20.72
C ALA C 112 -31.55 -27.09 20.80
N VAL C 113 -32.61 -26.31 21.01
CA VAL C 113 -32.44 -24.87 21.20
C VAL C 113 -31.83 -24.58 22.56
N CYS C 114 -32.17 -25.37 23.57
CA CYS C 114 -31.49 -25.26 24.87
C CYS C 114 -29.99 -25.49 24.74
N LYS C 115 -29.59 -26.60 24.12
CA LYS C 115 -28.18 -26.90 23.92
C LYS C 115 -27.47 -25.85 23.08
N THR C 116 -28.08 -25.40 21.98
CA THR C 116 -27.42 -24.42 21.12
C THR C 116 -27.32 -23.05 21.78
N THR C 117 -28.41 -22.58 22.38
CA THR C 117 -28.34 -21.26 23.00
C THR C 117 -27.37 -21.28 24.19
N THR C 118 -27.41 -22.32 25.03
CA THR C 118 -26.49 -22.36 26.15
C THR C 118 -25.04 -22.43 25.68
N TYR C 119 -24.80 -23.11 24.55
CA TYR C 119 -23.46 -23.12 23.95
C TYR C 119 -23.03 -21.73 23.51
N PHE C 120 -23.91 -21.01 22.83
CA PHE C 120 -23.57 -19.65 22.38
C PHE C 120 -23.45 -18.66 23.53
N MET C 121 -24.22 -18.85 24.61
CA MET C 121 -23.98 -18.09 25.83
C MET C 121 -22.59 -18.32 26.37
N GLY C 122 -22.27 -19.57 26.74
CA GLY C 122 -20.97 -19.86 27.30
C GLY C 122 -19.82 -19.42 26.41
N THR C 123 -19.95 -19.65 25.10
CA THR C 123 -18.93 -19.21 24.14
C THR C 123 -18.78 -17.69 24.12
N SER C 124 -19.88 -16.96 23.98
CA SER C 124 -19.81 -15.50 23.94
C SER C 124 -19.24 -14.91 25.23
N VAL C 125 -19.62 -15.47 26.38
CA VAL C 125 -18.99 -15.08 27.65
C VAL C 125 -17.49 -15.33 27.61
N SER C 126 -17.07 -16.52 27.19
CA SER C 126 -15.66 -16.88 27.23
C SER C 126 -14.83 -16.02 26.29
N VAL C 127 -15.34 -15.80 25.07
CA VAL C 127 -14.68 -14.89 24.13
C VAL C 127 -14.61 -13.48 24.68
N SER C 128 -15.75 -12.92 25.12
CA SER C 128 -15.74 -11.57 25.67
C SER C 128 -14.73 -11.39 26.80
N THR C 129 -14.65 -12.36 27.71
CA THR C 129 -13.64 -12.34 28.76
C THR C 129 -12.22 -12.38 28.20
N PHE C 130 -11.91 -13.38 27.38
CA PHE C 130 -10.55 -13.48 26.87
C PHE C 130 -10.17 -12.29 26.00
N ASN C 131 -11.13 -11.68 25.31
CA ASN C 131 -10.88 -10.46 24.55
C ASN C 131 -10.60 -9.27 25.46
N LEU C 132 -11.27 -9.18 26.61
CA LEU C 132 -10.91 -8.15 27.59
C LEU C 132 -9.49 -8.36 28.13
N VAL C 133 -9.13 -9.62 28.41
CA VAL C 133 -7.77 -9.95 28.83
C VAL C 133 -6.76 -9.58 27.75
N ALA C 134 -7.07 -9.94 26.50
CA ALA C 134 -6.21 -9.62 25.36
C ALA C 134 -6.02 -8.12 25.19
N ILE C 135 -7.11 -7.34 25.21
CA ILE C 135 -7.00 -5.88 25.16
C ILE C 135 -6.12 -5.36 26.29
N SER C 136 -6.33 -5.87 27.51
CA SER C 136 -5.55 -5.41 28.66
C SER C 136 -4.07 -5.70 28.50
N LEU C 137 -3.72 -6.89 27.97
CA LEU C 137 -2.32 -7.22 27.70
C LEU C 137 -1.75 -6.43 26.54
N GLU C 138 -2.54 -6.19 25.49
CA GLU C 138 -2.08 -5.34 24.40
C GLU C 138 -1.77 -3.94 24.90
N ARG C 139 -2.67 -3.36 25.71
CA ARG C 139 -2.42 -2.05 26.29
C ARG C 139 -1.19 -2.05 27.18
N TYR C 140 -0.99 -3.12 27.96
CA TYR C 140 0.21 -3.21 28.80
C TYR C 140 1.48 -3.24 27.95
N GLY C 141 1.47 -4.00 26.85
CA GLY C 141 2.59 -3.94 25.92
C GLY C 141 2.81 -2.56 25.37
N ALA C 142 1.74 -1.94 24.86
CA ALA C 142 1.82 -0.64 24.19
C ALA C 142 2.35 0.47 25.10
N ILE C 143 1.97 0.47 26.37
CA ILE C 143 2.40 1.52 27.30
C ILE C 143 3.61 1.13 28.13
N CYS C 144 3.58 -0.05 28.77
CA CYS C 144 4.63 -0.40 29.71
C CYS C 144 5.86 -1.01 29.05
N LYS C 145 5.72 -1.65 27.89
CA LYS C 145 6.84 -2.25 27.17
C LYS C 145 6.89 -1.75 25.73
N PRO C 146 7.02 -0.43 25.54
CA PRO C 146 6.57 0.17 24.28
C PRO C 146 7.41 -0.21 23.08
N LEU C 147 8.71 -0.46 23.27
CA LEU C 147 9.56 -0.82 22.14
C LEU C 147 9.44 -2.30 21.78
N GLN C 148 9.39 -3.18 22.79
CA GLN C 148 9.08 -4.58 22.54
C GLN C 148 7.72 -4.75 21.88
N SER C 149 6.74 -3.95 22.31
CA SER C 149 5.42 -3.95 21.68
C SER C 149 5.49 -3.82 20.15
N ARG C 150 6.37 -2.97 19.65
CA ARG C 150 6.52 -2.82 18.20
C ARG C 150 6.96 -4.10 17.53
N VAL C 151 7.70 -4.96 18.23
CA VAL C 151 8.09 -6.25 17.67
C VAL C 151 6.89 -7.15 17.39
N TRP C 152 5.86 -7.10 18.25
CA TRP C 152 4.91 -8.21 18.28
C TRP C 152 3.43 -7.85 18.27
N GLN C 153 3.13 -6.56 18.30
CA GLN C 153 1.72 -6.09 18.31
C GLN C 153 1.27 -5.89 16.88
N THR C 154 1.33 -6.94 16.07
CA THR C 154 0.98 -6.80 14.66
C THR C 154 -0.45 -7.28 14.45
N LYS C 155 -1.02 -6.89 13.30
CA LYS C 155 -2.33 -7.41 12.90
C LYS C 155 -2.31 -8.93 12.75
N SER C 156 -1.18 -9.50 12.32
CA SER C 156 -1.07 -10.95 12.23
C SER C 156 -1.12 -11.61 13.61
N HIS C 157 -0.41 -11.04 14.58
CA HIS C 157 -0.48 -11.51 15.96
C HIS C 157 -1.88 -11.33 16.55
N ALA C 158 -2.52 -10.19 16.29
CA ALA C 158 -3.88 -9.96 16.79
C ALA C 158 -4.87 -10.98 16.22
N LEU C 159 -4.83 -11.22 14.91
CA LEU C 159 -5.72 -12.20 14.31
C LEU C 159 -5.39 -13.64 14.74
N LYS C 160 -4.10 -13.95 14.90
CA LYS C 160 -3.71 -15.21 15.52
C LYS C 160 -4.33 -15.40 16.89
N VAL C 161 -4.20 -14.39 17.77
CA VAL C 161 -4.71 -14.54 19.13
C VAL C 161 -6.23 -14.53 19.19
N ILE C 162 -6.90 -13.84 18.25
CA ILE C 162 -8.36 -13.97 18.13
C ILE C 162 -8.76 -15.38 17.72
N ALA C 163 -8.14 -15.90 16.66
CA ALA C 163 -8.41 -17.27 16.23
C ALA C 163 -8.14 -18.28 17.35
N ALA C 164 -7.05 -18.11 18.08
CA ALA C 164 -6.74 -18.98 19.20
C ALA C 164 -7.78 -18.91 20.31
N THR C 165 -8.15 -17.69 20.73
CA THR C 165 -9.12 -17.54 21.82
C THR C 165 -10.52 -18.04 21.43
N TRP C 166 -10.92 -17.84 20.17
CA TRP C 166 -12.14 -18.48 19.67
C TRP C 166 -12.04 -20.00 19.65
N CYS C 167 -10.98 -20.56 19.09
CA CYS C 167 -10.85 -22.02 19.06
C CYS C 167 -10.83 -22.61 20.47
N LEU C 168 -10.12 -21.95 21.39
CA LEU C 168 -10.07 -22.38 22.79
C LEU C 168 -11.44 -22.33 23.45
N SER C 169 -12.16 -21.21 23.29
CA SER C 169 -13.50 -21.11 23.87
C SER C 169 -14.48 -22.12 23.28
N PHE C 170 -14.46 -22.29 21.95
CA PHE C 170 -15.25 -23.35 21.34
C PHE C 170 -14.88 -24.73 21.88
N THR C 171 -13.61 -24.98 22.12
CA THR C 171 -13.20 -26.25 22.72
C THR C 171 -13.75 -26.43 24.12
N ILE C 172 -13.39 -25.53 25.04
CA ILE C 172 -13.78 -25.70 26.44
C ILE C 172 -15.28 -25.54 26.69
N MET C 173 -16.02 -24.91 25.78
CA MET C 173 -17.47 -24.83 25.94
C MET C 173 -18.22 -26.05 25.41
N THR C 174 -17.53 -27.01 24.78
CA THR C 174 -18.18 -28.23 24.30
C THR C 174 -18.99 -29.01 25.35
N PRO C 175 -18.66 -28.97 26.64
CA PRO C 175 -19.54 -29.62 27.63
C PRO C 175 -20.97 -29.10 27.66
N TYR C 176 -21.22 -27.86 27.24
CA TYR C 176 -22.58 -27.34 27.29
C TYR C 176 -23.56 -28.07 26.36
N PRO C 177 -23.28 -28.28 25.07
CA PRO C 177 -24.20 -29.12 24.28
C PRO C 177 -24.17 -30.59 24.66
N ILE C 178 -23.04 -31.10 25.16
CA ILE C 178 -22.95 -32.51 25.55
C ILE C 178 -23.83 -32.82 26.76
N TYR C 179 -23.61 -32.12 27.87
CA TYR C 179 -24.25 -32.47 29.13
C TYR C 179 -25.42 -31.58 29.56
N SER C 180 -25.80 -30.56 28.79
CA SER C 180 -27.04 -29.86 29.09
C SER C 180 -28.23 -30.67 28.59
N ASN C 181 -29.14 -31.00 29.51
CA ASN C 181 -30.31 -31.79 29.19
C ASN C 181 -31.55 -31.01 29.59
N LEU C 182 -32.61 -31.14 28.79
CA LEU C 182 -33.89 -30.45 29.02
C LEU C 182 -34.68 -31.24 30.07
N VAL C 183 -34.16 -31.23 31.30
CA VAL C 183 -34.71 -32.09 32.36
C VAL C 183 -36.15 -31.69 32.67
N PRO C 184 -37.10 -32.62 32.67
CA PRO C 184 -38.51 -32.27 32.80
C PRO C 184 -38.91 -31.96 34.24
N PHE C 185 -40.03 -31.24 34.36
CA PHE C 185 -40.77 -31.16 35.61
C PHE C 185 -42.26 -31.06 35.26
N THR C 186 -43.09 -30.91 36.30
CA THR C 186 -44.49 -30.55 36.15
C THR C 186 -44.78 -29.27 36.90
N LYS C 187 -45.31 -28.27 36.20
CA LYS C 187 -45.72 -27.02 36.81
C LYS C 187 -47.05 -27.17 37.54
N ASN C 188 -47.28 -26.25 38.48
CA ASN C 188 -48.38 -26.35 39.43
C ASN C 188 -49.75 -26.32 38.77
N ASN C 189 -49.85 -25.83 37.54
CA ASN C 189 -51.11 -25.93 36.78
C ASN C 189 -51.41 -27.34 36.25
N ASN C 190 -50.63 -28.34 36.68
CA ASN C 190 -50.76 -29.72 36.19
C ASN C 190 -50.45 -29.80 34.69
N GLN C 191 -49.49 -28.99 34.26
CA GLN C 191 -48.95 -29.05 32.92
C GLN C 191 -47.47 -29.45 33.02
N THR C 192 -47.05 -30.42 32.22
CA THR C 192 -45.65 -30.77 32.20
C THR C 192 -44.85 -29.73 31.43
N ALA C 193 -43.79 -29.23 32.06
CA ALA C 193 -42.92 -28.23 31.47
C ALA C 193 -41.48 -28.59 31.78
N ASN C 194 -40.57 -28.16 30.93
CA ASN C 194 -39.18 -28.60 31.03
C ASN C 194 -38.30 -27.39 31.29
N MET C 195 -37.23 -27.60 32.04
CA MET C 195 -36.26 -26.56 32.34
C MET C 195 -34.92 -26.87 31.69
N CYS C 196 -34.37 -25.90 30.97
CA CYS C 196 -33.03 -26.00 30.39
C CYS C 196 -32.00 -25.84 31.50
N ARG C 197 -31.33 -26.92 31.87
CA ARG C 197 -30.30 -26.88 32.91
C ARG C 197 -29.10 -27.73 32.51
N PHE C 198 -27.92 -27.12 32.55
CA PHE C 198 -26.68 -27.88 32.47
C PHE C 198 -26.53 -28.73 33.72
N LEU C 199 -26.24 -30.02 33.52
CA LEU C 199 -26.39 -30.99 34.61
C LEU C 199 -25.34 -32.10 34.45
N LEU C 200 -24.09 -31.72 34.17
CA LEU C 200 -22.94 -32.61 34.19
C LEU C 200 -23.04 -33.57 35.38
N PRO C 201 -23.26 -34.87 35.13
CA PRO C 201 -23.94 -35.72 36.11
C PRO C 201 -23.37 -35.69 37.52
N ASN C 202 -22.13 -36.14 37.70
CA ASN C 202 -21.55 -36.21 39.03
C ASN C 202 -21.52 -34.84 39.67
N ASP C 203 -22.07 -34.74 40.88
CA ASP C 203 -22.20 -33.44 41.54
C ASP C 203 -20.84 -32.84 41.87
N VAL C 204 -19.90 -33.68 42.32
CA VAL C 204 -18.53 -33.23 42.53
C VAL C 204 -17.85 -32.86 41.22
N MET C 205 -18.20 -33.55 40.12
CA MET C 205 -17.66 -33.15 38.82
C MET C 205 -18.22 -31.82 38.35
N GLN C 206 -19.48 -31.52 38.67
CA GLN C 206 -20.01 -30.18 38.42
C GLN C 206 -19.37 -29.12 39.29
N GLN C 207 -19.07 -29.45 40.56
CA GLN C 207 -18.29 -28.54 41.39
C GLN C 207 -16.90 -28.29 40.80
N SER C 208 -16.27 -29.35 40.30
CA SER C 208 -14.95 -29.20 39.68
C SER C 208 -15.03 -28.32 38.43
N TRP C 209 -16.01 -28.57 37.57
CA TRP C 209 -16.16 -27.79 36.35
C TRP C 209 -16.41 -26.32 36.65
N HIS C 210 -17.33 -26.02 37.56
CA HIS C 210 -17.57 -24.62 37.91
C HIS C 210 -16.45 -23.99 38.72
N THR C 211 -15.61 -24.77 39.40
CA THR C 211 -14.37 -24.22 39.95
C THR C 211 -13.39 -23.84 38.84
N PHE C 212 -13.16 -24.74 37.90
CA PHE C 212 -12.26 -24.46 36.79
C PHE C 212 -12.74 -23.26 35.96
N LEU C 213 -14.04 -23.22 35.65
CA LEU C 213 -14.62 -22.04 35.00
C LEU C 213 -14.46 -20.76 35.82
N LEU C 214 -14.72 -20.82 37.13
CA LEU C 214 -14.55 -19.63 37.97
C LEU C 214 -13.12 -19.15 38.01
N LEU C 215 -12.17 -20.07 37.97
CA LEU C 215 -10.76 -19.71 37.87
C LEU C 215 -10.46 -19.09 36.51
N ILE C 216 -10.54 -19.88 35.44
CA ILE C 216 -10.02 -19.50 34.13
C ILE C 216 -10.83 -18.39 33.47
N LEU C 217 -12.09 -18.20 33.84
CA LEU C 217 -12.90 -17.12 33.31
C LEU C 217 -13.19 -16.02 34.33
N PHE C 218 -12.57 -16.05 35.52
CA PHE C 218 -12.65 -14.89 36.37
C PHE C 218 -11.32 -14.56 37.04
N LEU C 219 -10.89 -15.43 37.96
CA LEU C 219 -9.75 -15.09 38.81
C LEU C 219 -8.46 -14.89 38.01
N ILE C 220 -8.20 -15.75 37.03
CA ILE C 220 -7.03 -15.54 36.18
C ILE C 220 -7.23 -14.32 35.28
N PRO C 221 -8.35 -14.19 34.55
CA PRO C 221 -8.64 -12.90 33.89
C PRO C 221 -8.56 -11.68 34.79
N GLY C 222 -9.14 -11.77 35.99
CA GLY C 222 -9.11 -10.65 36.92
C GLY C 222 -7.73 -10.30 37.44
N ILE C 223 -6.97 -11.30 37.89
CA ILE C 223 -5.59 -11.06 38.31
C ILE C 223 -4.73 -10.50 37.19
N VAL C 224 -4.82 -11.08 35.99
CA VAL C 224 -4.04 -10.59 34.86
C VAL C 224 -4.42 -9.16 34.47
N MET C 225 -5.71 -8.84 34.44
CA MET C 225 -6.16 -7.49 34.14
C MET C 225 -5.80 -6.48 35.23
N MET C 226 -5.86 -6.89 36.49
CA MET C 226 -5.40 -6.01 37.57
C MET C 226 -3.90 -5.80 37.55
N VAL C 227 -3.11 -6.81 37.20
CA VAL C 227 -1.66 -6.61 37.04
C VAL C 227 -1.38 -5.67 35.87
N ALA C 228 -2.05 -5.89 34.73
CA ALA C 228 -1.87 -5.04 33.56
C ALA C 228 -2.19 -3.58 33.86
N TYR C 229 -3.43 -3.31 34.29
CA TYR C 229 -3.82 -1.93 34.52
C TYR C 229 -3.14 -1.33 35.76
N GLY C 230 -2.76 -2.13 36.74
CA GLY C 230 -1.95 -1.62 37.83
C GLY C 230 -0.59 -1.12 37.37
N LEU C 231 0.09 -1.91 36.53
CA LEU C 231 1.39 -1.48 36.04
C LEU C 231 1.28 -0.31 35.07
N ILE C 232 0.22 -0.26 34.26
CA ILE C 232 -0.05 0.95 33.49
C ILE C 232 -0.30 2.15 34.41
N SER C 233 -1.00 1.94 35.51
CA SER C 233 -1.27 3.01 36.46
C SER C 233 0.01 3.54 37.07
N LEU C 234 0.88 2.64 37.54
CA LEU C 234 2.17 3.05 38.07
C LEU C 234 3.03 3.75 37.02
N GLU C 235 3.02 3.26 35.78
CA GLU C 235 3.81 3.86 34.70
C GLU C 235 3.31 5.23 34.30
N LEU C 236 2.02 5.51 34.47
CA LEU C 236 1.52 6.88 34.31
C LEU C 236 1.70 7.75 35.54
N TYR C 237 1.50 7.21 36.75
CA TYR C 237 1.67 8.00 37.96
C TYR C 237 3.12 8.43 38.19
N GLN C 238 4.07 7.54 37.91
CA GLN C 238 5.47 7.94 37.95
C GLN C 238 5.80 9.02 36.93
N GLY C 239 5.11 9.01 35.78
CA GLY C 239 5.25 10.11 34.84
C GLY C 239 4.66 11.40 35.32
N ILE C 240 3.52 11.32 36.01
CA ILE C 240 2.92 12.52 36.64
C ILE C 240 3.90 13.13 37.64
N LYS C 241 4.39 12.32 38.58
CA LYS C 241 5.34 12.80 39.58
C LYS C 241 6.63 13.33 38.96
N PHE C 242 7.14 12.69 37.91
CA PHE C 242 8.32 13.23 37.23
C PHE C 242 8.03 14.53 36.50
N GLU C 243 6.83 14.69 35.94
CA GLU C 243 6.47 15.95 35.30
C GLU C 243 6.33 17.08 36.32
N ALA C 244 5.64 16.82 37.43
CA ALA C 244 5.42 17.87 38.41
C ALA C 244 6.69 18.22 39.18
N SER C 245 7.52 17.23 39.48
CA SER C 245 8.73 17.48 40.25
C SER C 245 9.79 18.17 39.40
N SER C 298 10.34 14.79 29.09
CA SER C 298 10.59 15.72 30.20
C SER C 298 9.74 16.98 30.05
N ASN C 299 8.64 16.87 29.31
CA ASN C 299 7.72 17.97 29.09
C ASN C 299 6.30 17.49 29.27
N SER C 300 5.44 18.38 29.77
CA SER C 300 4.06 18.05 30.05
C SER C 300 3.21 19.30 29.95
N SER C 301 1.89 19.10 29.86
CA SER C 301 0.96 20.21 29.76
C SER C 301 -0.35 19.83 30.43
N ALA C 302 -1.15 20.86 30.74
CA ALA C 302 -2.33 20.68 31.57
C ALA C 302 -3.28 19.63 30.98
N ALA C 303 -3.64 19.79 29.71
CA ALA C 303 -4.53 18.82 29.06
C ALA C 303 -3.88 17.45 28.95
N ASN C 304 -2.55 17.38 28.88
CA ASN C 304 -1.84 16.11 28.86
C ASN C 304 -1.77 15.44 30.23
N LEU C 305 -1.85 16.20 31.31
CA LEU C 305 -2.09 15.61 32.62
C LEU C 305 -3.53 15.16 32.80
N MET C 306 -4.48 16.01 32.39
CA MET C 306 -5.90 15.63 32.44
C MET C 306 -6.19 14.37 31.65
N ALA C 307 -5.56 14.20 30.48
CA ALA C 307 -5.65 12.95 29.73
C ALA C 307 -5.19 11.75 30.54
N LYS C 308 -4.06 11.88 31.27
CA LYS C 308 -3.59 10.80 32.12
C LYS C 308 -4.58 10.50 33.25
N LYS C 309 -5.12 11.54 33.87
CA LYS C 309 -6.17 11.35 34.89
C LYS C 309 -7.38 10.61 34.32
N ARG C 310 -7.87 11.05 33.17
CA ARG C 310 -8.97 10.36 32.48
C ARG C 310 -8.63 8.90 32.13
N VAL C 311 -7.38 8.61 31.80
CA VAL C 311 -6.97 7.23 31.60
C VAL C 311 -7.04 6.43 32.90
N ILE C 312 -6.51 6.97 33.98
CA ILE C 312 -6.59 6.27 35.27
C ILE C 312 -8.04 6.02 35.67
N ARG C 313 -8.91 7.01 35.42
CA ARG C 313 -10.35 6.84 35.63
C ARG C 313 -10.91 5.72 34.79
N MET C 314 -10.65 5.73 33.49
CA MET C 314 -11.16 4.70 32.59
C MET C 314 -10.72 3.31 33.01
N LEU C 315 -9.43 3.15 33.36
CA LEU C 315 -8.92 1.85 33.76
C LEU C 315 -9.53 1.36 35.06
N ILE C 316 -9.63 2.23 36.06
CA ILE C 316 -10.31 1.85 37.31
C ILE C 316 -11.76 1.50 37.05
N VAL C 317 -12.46 2.29 36.23
CA VAL C 317 -13.86 2.00 35.94
C VAL C 317 -14.02 0.66 35.24
N ILE C 318 -13.15 0.35 34.28
CA ILE C 318 -13.23 -0.94 33.59
C ILE C 318 -13.01 -2.10 34.55
N VAL C 319 -11.98 -2.01 35.41
CA VAL C 319 -11.75 -3.07 36.38
C VAL C 319 -12.92 -3.25 37.34
N VAL C 320 -13.42 -2.15 37.90
CA VAL C 320 -14.53 -2.22 38.85
C VAL C 320 -15.79 -2.76 38.18
N LEU C 321 -16.12 -2.25 36.99
CA LEU C 321 -17.32 -2.70 36.32
C LEU C 321 -17.21 -4.13 35.81
N PHE C 322 -16.00 -4.61 35.52
CA PHE C 322 -15.79 -6.03 35.25
C PHE C 322 -16.11 -6.89 36.47
N PHE C 323 -15.62 -6.48 37.64
CA PHE C 323 -15.96 -7.19 38.86
C PHE C 323 -17.46 -7.15 39.15
N LEU C 324 -18.03 -5.94 39.14
CA LEU C 324 -19.47 -5.77 39.37
C LEU C 324 -20.32 -6.58 38.40
N CYS C 325 -19.90 -6.70 37.15
CA CYS C 325 -20.66 -7.50 36.20
C CYS C 325 -20.52 -9.00 36.46
N TRP C 326 -19.29 -9.51 36.58
CA TRP C 326 -19.13 -10.96 36.54
C TRP C 326 -19.05 -11.64 37.91
N MET C 327 -18.49 -11.02 38.94
CA MET C 327 -18.44 -11.67 40.24
C MET C 327 -19.81 -12.05 40.79
N PRO C 328 -20.87 -11.25 40.64
CA PRO C 328 -22.21 -11.73 41.05
C PRO C 328 -22.65 -13.05 40.43
N ILE C 329 -22.58 -13.17 39.10
CA ILE C 329 -23.07 -14.39 38.46
C ILE C 329 -22.14 -15.57 38.71
N PHE C 330 -20.82 -15.35 38.69
CA PHE C 330 -19.90 -16.44 38.93
C PHE C 330 -19.92 -16.93 40.38
N SER C 331 -20.23 -16.03 41.32
CA SER C 331 -20.45 -16.46 42.70
C SER C 331 -21.79 -17.14 42.89
N ALA C 332 -22.84 -16.64 42.23
CA ALA C 332 -24.11 -17.38 42.20
C ALA C 332 -23.92 -18.80 41.67
N ASN C 333 -23.19 -18.95 40.57
CA ASN C 333 -22.88 -20.28 40.04
C ASN C 333 -22.09 -21.13 41.04
N ALA C 334 -21.07 -20.56 41.68
CA ALA C 334 -20.30 -21.33 42.66
C ALA C 334 -21.16 -21.77 43.85
N TRP C 335 -22.10 -20.91 44.26
CA TRP C 335 -23.09 -21.27 45.27
C TRP C 335 -23.98 -22.43 44.80
N ARG C 336 -24.59 -22.29 43.63
CA ARG C 336 -25.33 -23.39 43.02
C ARG C 336 -24.50 -24.66 42.93
N ALA C 337 -23.19 -24.54 42.73
CA ALA C 337 -22.32 -25.70 42.63
C ALA C 337 -22.19 -26.40 43.97
N TYR C 338 -21.89 -25.64 45.03
CA TYR C 338 -21.66 -26.24 46.34
C TYR C 338 -22.94 -26.44 47.15
N ASP C 339 -23.85 -25.47 47.14
CA ASP C 339 -24.97 -25.41 48.07
C ASP C 339 -26.31 -25.49 47.34
N THR C 340 -26.36 -26.31 46.28
CA THR C 340 -27.30 -26.18 45.17
C THR C 340 -28.73 -25.85 45.60
N ALA C 341 -29.35 -26.69 46.42
CA ALA C 341 -30.78 -26.55 46.69
C ALA C 341 -31.11 -25.23 47.38
N SER C 342 -30.46 -24.97 48.51
CA SER C 342 -30.73 -23.75 49.27
C SER C 342 -30.12 -22.51 48.61
N ALA C 343 -29.01 -22.65 47.90
CA ALA C 343 -28.51 -21.56 47.07
C ALA C 343 -29.53 -21.14 46.02
N GLU C 344 -30.07 -22.12 45.29
CA GLU C 344 -31.04 -21.80 44.23
C GLU C 344 -32.36 -21.28 44.80
N ARG C 345 -32.76 -21.75 45.98
CA ARG C 345 -34.02 -21.30 46.54
C ARG C 345 -34.03 -19.79 46.80
N ARG C 346 -32.93 -19.24 47.33
CA ARG C 346 -32.88 -17.81 47.59
C ARG C 346 -32.74 -16.98 46.31
N LEU C 347 -32.12 -17.53 45.27
CA LEU C 347 -31.81 -16.77 44.06
C LEU C 347 -32.64 -17.14 42.83
N SER C 348 -33.48 -18.17 42.91
CA SER C 348 -34.34 -18.50 41.77
C SER C 348 -35.32 -17.37 41.47
N GLY C 349 -35.65 -17.22 40.19
CA GLY C 349 -36.64 -16.24 39.78
C GLY C 349 -36.04 -14.86 39.62
N THR C 350 -36.69 -13.87 40.21
CA THR C 350 -36.27 -12.48 40.06
C THR C 350 -34.80 -12.22 40.42
N PRO C 351 -34.24 -12.77 41.50
CA PRO C 351 -32.85 -12.42 41.84
C PRO C 351 -31.89 -12.75 40.72
N ILE C 352 -32.00 -13.95 40.14
CA ILE C 352 -31.05 -14.34 39.11
C ILE C 352 -31.32 -13.59 37.82
N SER C 353 -32.56 -13.12 37.63
CA SER C 353 -32.86 -12.25 36.50
C SER C 353 -32.09 -10.94 36.59
N PHE C 354 -32.08 -10.33 37.77
CA PHE C 354 -31.25 -9.15 37.99
C PHE C 354 -29.75 -9.46 37.88
N ILE C 355 -29.30 -10.56 38.49
CA ILE C 355 -27.88 -10.91 38.42
C ILE C 355 -27.44 -11.11 36.97
N LEU C 356 -28.25 -11.79 36.16
CA LEU C 356 -27.90 -11.96 34.76
C LEU C 356 -28.00 -10.65 33.98
N LEU C 357 -28.92 -9.76 34.35
CA LEU C 357 -28.93 -8.43 33.73
C LEU C 357 -27.69 -7.63 34.05
N LEU C 358 -27.16 -7.77 35.27
CA LEU C 358 -25.85 -7.21 35.59
C LEU C 358 -24.75 -7.84 34.76
N SER C 359 -24.78 -9.17 34.60
CA SER C 359 -23.79 -9.84 33.76
C SER C 359 -23.81 -9.32 32.32
N TYR C 360 -25.00 -9.18 31.74
CA TYR C 360 -25.12 -8.67 30.38
C TYR C 360 -24.90 -7.15 30.27
N THR C 361 -24.98 -6.43 31.39
CA THR C 361 -24.56 -5.02 31.38
C THR C 361 -23.12 -4.85 30.93
N SER C 362 -22.26 -5.85 31.17
CA SER C 362 -20.90 -5.80 30.64
C SER C 362 -20.88 -5.71 29.12
N SER C 363 -21.75 -6.47 28.45
CA SER C 363 -21.87 -6.43 27.00
C SER C 363 -22.28 -5.06 26.47
N CYS C 364 -22.97 -4.25 27.27
CA CYS C 364 -23.29 -2.89 26.89
C CYS C 364 -22.19 -1.88 27.25
N VAL C 365 -21.63 -2.02 28.46
CA VAL C 365 -20.58 -1.12 28.93
C VAL C 365 -19.32 -1.21 28.06
N ASN C 366 -18.95 -2.40 27.61
CA ASN C 366 -17.72 -2.52 26.84
C ASN C 366 -17.73 -1.78 25.51
N PRO C 367 -18.81 -1.79 24.71
CA PRO C 367 -18.89 -0.84 23.60
C PRO C 367 -18.72 0.61 24.04
N ILE C 368 -19.30 0.99 25.17
CA ILE C 368 -19.23 2.37 25.63
C ILE C 368 -17.84 2.67 26.17
N ILE C 369 -17.44 1.96 27.22
CA ILE C 369 -16.22 2.28 27.95
C ILE C 369 -14.97 1.94 27.15
N TYR C 370 -15.12 1.31 25.97
CA TYR C 370 -14.06 1.34 24.97
C TYR C 370 -14.50 2.21 23.81
N CYS C 371 -15.14 1.67 22.77
CA CYS C 371 -15.23 2.32 21.47
C CYS C 371 -15.82 3.73 21.56
N PHE C 372 -16.98 3.86 22.16
CA PHE C 372 -17.68 5.14 22.26
C PHE C 372 -17.04 6.12 23.24
N MET C 373 -15.87 5.84 23.82
CA MET C 373 -15.14 6.85 24.56
C MET C 373 -13.67 6.95 24.15
N ASN C 374 -13.23 6.12 23.21
CA ASN C 374 -12.01 6.41 22.47
C ASN C 374 -12.26 7.57 21.52
N LYS C 375 -11.56 8.70 21.75
CA LYS C 375 -11.80 9.90 20.96
C LYS C 375 -11.68 9.64 19.46
N ARG C 376 -10.69 8.82 19.06
CA ARG C 376 -10.56 8.47 17.65
C ARG C 376 -11.85 7.87 17.11
N PHE C 377 -12.43 6.91 17.83
CA PHE C 377 -13.68 6.29 17.40
C PHE C 377 -14.84 7.24 17.60
N ARG C 378 -14.83 8.00 18.70
CA ARG C 378 -15.87 9.00 18.97
C ARG C 378 -15.98 10.05 17.86
N LEU C 379 -14.91 10.28 17.11
CA LEU C 379 -15.00 11.05 15.87
C LEU C 379 -15.26 10.20 14.62
N GLY C 380 -14.60 9.05 14.47
CA GLY C 380 -14.83 8.23 13.30
C GLY C 380 -16.29 7.83 13.12
N PHE C 381 -17.01 7.63 14.22
CA PHE C 381 -18.44 7.38 14.12
C PHE C 381 -19.17 8.56 13.49
N MET C 382 -18.68 9.77 13.73
CA MET C 382 -19.25 10.95 13.06
C MET C 382 -18.89 10.94 11.58
N ALA C 383 -17.65 10.58 11.27
CA ALA C 383 -17.23 10.49 9.87
C ALA C 383 -17.85 9.28 9.18
N THR C 384 -18.17 8.23 9.94
CA THR C 384 -18.96 7.14 9.40
C THR C 384 -20.42 7.58 9.24
N PHE C 385 -21.21 6.73 8.57
CA PHE C 385 -22.63 6.96 8.41
C PHE C 385 -23.34 7.00 9.76
N SER D 8 24.34 39.94 -14.99
CA SER D 8 23.83 41.13 -15.64
C SER D 8 22.88 40.77 -16.79
N ILE D 9 23.44 40.19 -17.85
CA ILE D 9 22.64 39.87 -19.02
C ILE D 9 22.08 38.44 -18.96
N ALA D 10 22.76 37.53 -18.25
CA ALA D 10 22.47 36.11 -18.36
C ALA D 10 21.09 35.74 -17.82
N GLN D 11 20.47 36.63 -17.04
CA GLN D 11 19.08 36.46 -16.62
C GLN D 11 18.13 37.52 -17.14
N ALA D 12 18.61 38.50 -17.91
CA ALA D 12 17.78 39.64 -18.29
C ALA D 12 17.79 39.90 -19.79
N ARG D 13 18.97 40.16 -20.36
CA ARG D 13 19.07 40.22 -21.81
C ARG D 13 18.74 38.88 -22.45
N LYS D 14 19.20 37.78 -21.86
CA LYS D 14 18.80 36.45 -22.30
C LYS D 14 17.32 36.18 -22.04
N LEU D 15 16.76 36.82 -21.02
CA LEU D 15 15.31 36.79 -20.84
C LEU D 15 14.59 37.60 -21.92
N VAL D 16 15.11 38.77 -22.27
CA VAL D 16 14.49 39.53 -23.36
C VAL D 16 14.57 38.75 -24.68
N GLU D 17 15.73 38.15 -24.96
CA GLU D 17 15.90 37.27 -26.11
C GLU D 17 14.97 36.06 -26.12
N GLN D 18 14.56 35.59 -24.95
CA GLN D 18 13.56 34.51 -24.90
C GLN D 18 12.14 35.05 -25.07
N LEU D 19 11.80 36.10 -24.34
CA LEU D 19 10.44 36.64 -24.36
C LEU D 19 10.07 37.23 -25.72
N LYS D 20 11.03 37.84 -26.43
CA LYS D 20 10.73 38.33 -27.78
C LYS D 20 10.58 37.20 -28.78
N MET D 21 11.27 36.08 -28.57
CA MET D 21 11.05 34.88 -29.36
C MET D 21 9.67 34.27 -29.12
N GLU D 22 9.22 34.29 -27.86
CA GLU D 22 7.84 33.91 -27.56
C GLU D 22 6.83 34.90 -28.10
N ALA D 23 7.18 36.19 -28.16
CA ALA D 23 6.28 37.19 -28.71
C ALA D 23 6.05 37.01 -30.20
N ASN D 24 7.10 36.73 -30.96
CA ASN D 24 7.01 36.68 -32.41
C ASN D 24 6.32 35.44 -32.94
N ILE D 25 6.07 34.43 -32.09
CA ILE D 25 5.54 33.16 -32.57
C ILE D 25 4.15 33.37 -33.18
N ASP D 26 3.86 32.58 -34.22
CA ASP D 26 2.55 32.63 -34.87
C ASP D 26 1.45 32.14 -33.95
N ARG D 27 0.25 32.71 -34.13
CA ARG D 27 -0.91 32.40 -33.31
C ARG D 27 -2.14 32.21 -34.19
N ILE D 28 -3.09 31.46 -33.66
CA ILE D 28 -4.34 31.14 -34.33
C ILE D 28 -5.50 31.59 -33.46
N LYS D 29 -6.60 32.00 -34.08
CA LYS D 29 -7.77 32.45 -33.34
C LYS D 29 -8.32 31.37 -32.43
N VAL D 30 -8.76 31.80 -31.24
CA VAL D 30 -9.32 30.90 -30.22
C VAL D 30 -10.55 30.18 -30.74
N SER D 31 -11.36 30.86 -31.56
CA SER D 31 -12.48 30.20 -32.24
C SER D 31 -12.05 28.98 -33.04
N LYS D 32 -10.97 29.09 -33.82
CA LYS D 32 -10.52 27.95 -34.63
C LYS D 32 -9.87 26.87 -33.78
N ALA D 33 -9.10 27.24 -32.77
CA ALA D 33 -8.57 26.26 -31.82
C ALA D 33 -9.68 25.48 -31.12
N ALA D 34 -10.73 26.17 -30.68
CA ALA D 34 -11.85 25.47 -30.05
C ALA D 34 -12.61 24.60 -31.04
N ALA D 35 -12.85 25.11 -32.25
CA ALA D 35 -13.50 24.29 -33.27
C ALA D 35 -12.72 23.01 -33.55
N ASP D 36 -11.40 23.12 -33.64
CA ASP D 36 -10.54 21.93 -33.77
C ASP D 36 -10.66 20.98 -32.57
N LEU D 37 -10.66 21.52 -31.35
CA LEU D 37 -10.85 20.67 -30.17
C LEU D 37 -12.19 19.95 -30.16
N MET D 38 -13.28 20.63 -30.49
CA MET D 38 -14.57 19.93 -30.57
C MET D 38 -14.70 19.01 -31.78
N ALA D 39 -13.95 19.28 -32.86
CA ALA D 39 -13.90 18.32 -33.96
C ALA D 39 -13.16 17.05 -33.58
N TYR D 40 -12.08 17.18 -32.82
CA TYR D 40 -11.42 15.98 -32.29
C TYR D 40 -12.31 15.24 -31.29
N CYS D 41 -12.99 15.98 -30.41
CA CYS D 41 -13.90 15.36 -29.45
C CYS D 41 -15.03 14.60 -30.14
N GLU D 42 -15.60 15.16 -31.21
CA GLU D 42 -16.62 14.43 -31.97
C GLU D 42 -16.03 13.25 -32.74
N ALA D 43 -14.91 13.46 -33.43
CA ALA D 43 -14.28 12.41 -34.22
C ALA D 43 -13.90 11.18 -33.42
N HIS D 44 -13.71 11.31 -32.10
CA HIS D 44 -13.35 10.17 -31.25
C HIS D 44 -14.41 9.87 -30.20
N ALA D 45 -15.68 10.17 -30.51
CA ALA D 45 -16.76 9.91 -29.55
C ALA D 45 -16.91 8.42 -29.28
N LYS D 46 -17.03 7.62 -30.33
CA LYS D 46 -17.20 6.17 -30.18
C LYS D 46 -15.90 5.50 -29.74
N GLU D 47 -14.76 6.09 -30.08
CA GLU D 47 -13.44 5.61 -29.69
C GLU D 47 -13.18 5.64 -28.19
N ASP D 48 -14.10 6.17 -27.39
CA ASP D 48 -13.86 6.41 -25.97
C ASP D 48 -14.80 5.57 -25.12
N PRO D 49 -14.29 4.55 -24.42
CA PRO D 49 -15.14 3.69 -23.59
C PRO D 49 -15.74 4.37 -22.37
N LEU D 50 -15.35 5.60 -22.07
CA LEU D 50 -15.93 6.34 -20.95
C LEU D 50 -17.03 7.30 -21.39
N LEU D 51 -16.81 8.02 -22.49
CA LEU D 51 -17.89 8.82 -23.06
C LEU D 51 -19.01 7.92 -23.55
N THR D 52 -18.70 7.00 -24.46
CA THR D 52 -19.66 5.99 -24.90
C THR D 52 -19.56 4.80 -23.95
N PRO D 53 -20.59 4.51 -23.17
CA PRO D 53 -20.53 3.36 -22.25
C PRO D 53 -20.32 2.04 -22.99
N VAL D 54 -19.62 1.13 -22.33
CA VAL D 54 -19.03 -0.05 -22.96
C VAL D 54 -19.83 -1.27 -22.50
N PRO D 55 -20.19 -2.18 -23.40
CA PRO D 55 -20.81 -3.44 -22.97
C PRO D 55 -19.86 -4.29 -22.13
N ALA D 56 -20.45 -5.00 -21.17
CA ALA D 56 -19.69 -5.88 -20.27
C ALA D 56 -18.94 -6.97 -21.02
N SER D 57 -19.33 -7.26 -22.26
CA SER D 57 -18.58 -8.20 -23.08
C SER D 57 -17.29 -7.58 -23.63
N GLU D 58 -17.33 -6.30 -23.95
CA GLU D 58 -16.14 -5.62 -24.45
C GLU D 58 -15.24 -5.11 -23.33
N ASN D 59 -15.82 -4.71 -22.20
CA ASN D 59 -15.04 -4.18 -21.09
C ASN D 59 -14.20 -5.30 -20.46
N PRO D 60 -12.86 -5.21 -20.48
CA PRO D 60 -12.06 -6.23 -19.80
C PRO D 60 -12.25 -6.26 -18.30
N PHE D 61 -12.61 -5.13 -17.69
CA PHE D 61 -12.61 -4.98 -16.24
C PHE D 61 -13.91 -5.43 -15.59
N ARG D 62 -14.78 -6.13 -16.34
CA ARG D 62 -15.93 -6.77 -15.74
C ARG D 62 -15.50 -7.82 -14.71
N GLU D 63 -16.44 -8.21 -13.87
CA GLU D 63 -16.17 -9.11 -12.75
C GLU D 63 -15.73 -10.49 -13.25
N VAL E 1 23.79 -16.37 -17.55
CA VAL E 1 22.83 -17.39 -17.13
C VAL E 1 23.38 -18.76 -17.51
N GLN E 2 23.48 -19.65 -16.53
CA GLN E 2 23.89 -21.02 -16.76
C GLN E 2 23.07 -21.96 -15.88
N LEU E 3 22.88 -23.18 -16.36
CA LEU E 3 22.28 -24.26 -15.58
C LEU E 3 23.14 -25.50 -15.77
N VAL E 4 24.00 -25.79 -14.80
CA VAL E 4 24.93 -26.91 -14.88
C VAL E 4 24.38 -28.05 -14.04
N GLU E 5 24.17 -29.20 -14.68
CA GLU E 5 23.47 -30.32 -14.10
C GLU E 5 24.44 -31.48 -13.88
N SER E 6 24.21 -32.24 -12.81
CA SER E 6 25.03 -33.40 -12.51
C SER E 6 24.27 -34.34 -11.59
N GLY E 7 24.77 -35.56 -11.47
CA GLY E 7 24.10 -36.61 -10.74
C GLY E 7 23.64 -37.76 -11.63
N GLY E 8 24.34 -37.94 -12.75
CA GLY E 8 23.94 -38.88 -13.77
C GLY E 8 24.80 -40.13 -13.78
N GLY E 9 24.85 -40.77 -14.94
CA GLY E 9 25.63 -41.97 -15.13
C GLY E 9 24.81 -43.25 -15.12
N LEU E 10 25.53 -44.36 -14.89
CA LEU E 10 24.90 -45.65 -14.72
C LEU E 10 24.23 -45.77 -13.35
N VAL E 11 23.04 -46.36 -13.33
CA VAL E 11 22.37 -46.75 -12.09
C VAL E 11 21.84 -48.17 -12.26
N GLN E 12 21.86 -48.92 -11.16
CA GLN E 12 21.18 -50.20 -11.14
C GLN E 12 19.66 -50.00 -11.17
N PRO E 13 18.93 -50.89 -11.84
CA PRO E 13 17.49 -50.66 -12.01
C PRO E 13 16.75 -50.74 -10.69
N GLY E 14 15.84 -49.80 -10.47
CA GLY E 14 15.07 -49.76 -9.25
C GLY E 14 15.81 -49.19 -8.06
N GLY E 15 16.95 -48.54 -8.27
CA GLY E 15 17.67 -47.87 -7.21
C GLY E 15 17.13 -46.50 -6.91
N SER E 16 18.02 -45.61 -6.47
CA SER E 16 17.69 -44.20 -6.30
C SER E 16 18.93 -43.38 -6.64
N ARG E 17 18.69 -42.14 -7.07
CA ARG E 17 19.77 -41.19 -7.26
C ARG E 17 19.19 -39.77 -7.18
N LYS E 18 20.05 -38.83 -6.81
CA LYS E 18 19.68 -37.43 -6.64
C LYS E 18 20.30 -36.62 -7.78
N LEU E 19 19.49 -36.26 -8.76
CA LEU E 19 19.91 -35.33 -9.80
C LEU E 19 19.96 -33.91 -9.26
N SER E 20 21.02 -33.18 -9.60
CA SER E 20 21.24 -31.84 -9.10
C SER E 20 21.50 -30.90 -10.25
N CYS E 21 21.11 -29.64 -10.06
CA CYS E 21 21.49 -28.55 -10.94
C CYS E 21 21.80 -27.32 -10.09
N SER E 22 23.02 -26.81 -10.21
CA SER E 22 23.36 -25.52 -9.62
C SER E 22 23.03 -24.42 -10.61
N ALA E 23 22.21 -23.48 -10.19
CA ALA E 23 21.98 -22.25 -10.93
C ALA E 23 23.13 -21.27 -10.73
N SER E 24 23.40 -20.48 -11.77
CA SER E 24 24.30 -19.35 -11.65
C SER E 24 23.80 -18.21 -12.52
N GLY E 25 24.10 -16.99 -12.07
CA GLY E 25 23.87 -15.78 -12.85
C GLY E 25 22.43 -15.34 -13.00
N PHE E 26 21.48 -16.02 -12.37
CA PHE E 26 20.09 -15.58 -12.39
C PHE E 26 19.47 -15.80 -11.02
N ALA E 27 18.36 -15.10 -10.78
CA ALA E 27 17.71 -15.07 -9.47
C ALA E 27 16.88 -16.33 -9.26
N PHE E 28 17.59 -17.42 -8.97
CA PHE E 28 16.98 -18.76 -8.97
C PHE E 28 15.71 -18.81 -8.13
N SER E 29 15.71 -18.15 -6.96
CA SER E 29 14.52 -18.07 -6.14
C SER E 29 13.35 -17.42 -6.88
N SER E 30 13.64 -16.46 -7.77
CA SER E 30 12.58 -15.81 -8.53
C SER E 30 11.91 -16.75 -9.53
N PHE E 31 12.62 -17.77 -9.99
CA PHE E 31 12.16 -18.61 -11.09
C PHE E 31 11.51 -19.89 -10.57
N GLY E 32 10.42 -20.30 -11.23
CA GLY E 32 10.02 -21.68 -11.22
C GLY E 32 10.97 -22.56 -12.00
N MET E 33 10.94 -23.85 -11.68
CA MET E 33 11.82 -24.83 -12.30
C MET E 33 11.02 -26.02 -12.81
N HIS E 34 11.40 -26.50 -13.99
CA HIS E 34 10.85 -27.72 -14.57
C HIS E 34 11.99 -28.70 -14.80
N TRP E 35 11.67 -29.98 -14.73
CA TRP E 35 12.48 -31.02 -15.35
C TRP E 35 11.75 -31.60 -16.56
N VAL E 36 12.50 -31.74 -17.66
CA VAL E 36 12.01 -32.35 -18.88
C VAL E 36 12.95 -33.49 -19.22
N ARG E 37 12.42 -34.57 -19.78
CA ARG E 37 13.23 -35.71 -20.14
C ARG E 37 13.07 -36.03 -21.62
N GLN E 38 14.15 -36.51 -22.22
CA GLN E 38 14.16 -37.01 -23.60
C GLN E 38 14.60 -38.45 -23.58
N ALA E 39 13.71 -39.36 -24.00
CA ALA E 39 14.09 -40.75 -24.15
C ALA E 39 15.16 -40.86 -25.24
N PRO E 40 15.91 -41.97 -25.27
CA PRO E 40 17.14 -41.98 -26.09
C PRO E 40 16.91 -41.69 -27.56
N GLU E 41 15.70 -41.93 -28.07
CA GLU E 41 15.33 -41.51 -29.43
C GLU E 41 13.94 -40.91 -29.54
N LYS E 42 13.06 -41.07 -28.56
CA LYS E 42 11.74 -40.44 -28.59
C LYS E 42 11.85 -38.95 -28.26
N GLY E 43 10.69 -38.30 -28.17
CA GLY E 43 10.61 -36.87 -27.95
C GLY E 43 10.74 -36.46 -26.49
N LEU E 44 10.61 -35.15 -26.28
CA LEU E 44 10.60 -34.57 -24.94
C LEU E 44 9.33 -34.95 -24.21
N GLU E 45 9.45 -35.09 -22.89
CA GLU E 45 8.28 -35.20 -22.03
C GLU E 45 8.58 -34.58 -20.68
N TRP E 46 7.55 -33.97 -20.09
CA TRP E 46 7.68 -33.26 -18.82
C TRP E 46 7.72 -34.22 -17.64
N VAL E 47 8.47 -33.83 -16.61
CA VAL E 47 8.67 -34.66 -15.43
C VAL E 47 8.05 -34.00 -14.18
N ALA E 48 8.54 -32.84 -13.79
CA ALA E 48 8.12 -32.21 -12.54
C ALA E 48 8.20 -30.70 -12.67
N TYR E 49 7.49 -30.02 -11.77
CA TYR E 49 7.56 -28.56 -11.65
C TYR E 49 7.62 -28.21 -10.17
N ILE E 50 8.42 -27.19 -9.84
CA ILE E 50 8.36 -26.55 -8.54
C ILE E 50 8.41 -25.03 -8.75
N SER E 51 7.43 -24.32 -8.18
CA SER E 51 7.27 -22.91 -8.44
C SER E 51 8.26 -22.08 -7.61
N SER E 52 8.23 -20.77 -7.85
CA SER E 52 9.18 -19.85 -7.22
C SER E 52 9.12 -19.95 -5.69
N GLY E 53 7.91 -19.97 -5.12
CA GLY E 53 7.76 -20.08 -3.69
C GLY E 53 7.96 -21.47 -3.12
N SER E 54 8.37 -22.44 -3.93
CA SER E 54 8.40 -23.86 -3.60
C SER E 54 7.02 -24.45 -3.33
N GLY E 55 5.94 -23.74 -3.65
CA GLY E 55 4.61 -24.32 -3.62
C GLY E 55 4.18 -24.86 -4.96
N THR E 56 2.89 -25.22 -5.04
CA THR E 56 2.23 -25.76 -6.23
C THR E 56 3.15 -26.66 -7.05
N ILE E 57 3.74 -27.64 -6.35
CA ILE E 57 4.46 -28.72 -7.02
C ILE E 57 3.49 -29.51 -7.89
N TYR E 58 3.96 -29.90 -9.08
CA TYR E 58 3.23 -30.83 -9.93
C TYR E 58 4.18 -31.85 -10.53
N TYR E 59 3.65 -33.03 -10.84
CA TYR E 59 4.39 -34.08 -11.50
C TYR E 59 3.53 -34.67 -12.61
N ALA E 60 4.20 -35.30 -13.58
CA ALA E 60 3.47 -36.05 -14.59
C ALA E 60 2.90 -37.31 -13.97
N ASP E 61 1.76 -37.76 -14.50
CA ASP E 61 1.15 -38.98 -13.99
C ASP E 61 2.05 -40.20 -14.18
N THR E 62 2.90 -40.17 -15.21
CA THR E 62 3.88 -41.22 -15.45
C THR E 62 5.04 -41.21 -14.46
N VAL E 63 5.11 -40.24 -13.54
CA VAL E 63 6.15 -40.25 -12.51
C VAL E 63 5.56 -39.92 -11.15
N LYS E 64 4.28 -39.53 -11.13
CA LYS E 64 3.64 -39.08 -9.89
C LYS E 64 3.89 -40.03 -8.74
N GLY E 65 4.34 -39.47 -7.61
CA GLY E 65 4.66 -40.24 -6.42
C GLY E 65 5.97 -40.99 -6.47
N ARG E 66 6.36 -41.46 -7.66
CA ARG E 66 7.61 -42.18 -7.80
C ARG E 66 8.82 -41.25 -7.64
N PHE E 67 8.77 -40.09 -8.29
CA PHE E 67 9.78 -39.05 -8.13
C PHE E 67 9.29 -37.96 -7.17
N THR E 68 10.26 -37.22 -6.64
CA THR E 68 9.97 -36.01 -5.88
C THR E 68 10.95 -34.92 -6.26
N ILE E 69 10.42 -33.71 -6.44
CA ILE E 69 11.18 -32.53 -6.83
C ILE E 69 11.30 -31.60 -5.63
N SER E 70 12.52 -31.12 -5.38
CA SER E 70 12.79 -30.19 -4.29
C SER E 70 13.82 -29.18 -4.75
N ARG E 71 13.90 -28.08 -4.01
CA ARG E 71 14.83 -27.00 -4.32
C ARG E 71 15.40 -26.43 -3.03
N ASP E 72 16.61 -25.87 -3.14
CA ASP E 72 17.30 -25.21 -2.02
C ASP E 72 17.67 -23.80 -2.46
N ASP E 73 16.72 -22.89 -2.31
CA ASP E 73 16.95 -21.49 -2.70
C ASP E 73 18.12 -20.83 -1.97
N PRO E 74 18.34 -21.04 -0.67
CA PRO E 74 19.53 -20.47 -0.03
C PRO E 74 20.85 -21.02 -0.54
N LYS E 75 20.83 -22.13 -1.29
CA LYS E 75 22.05 -22.66 -1.90
C LYS E 75 22.00 -22.58 -3.43
N ASN E 76 21.05 -21.83 -3.99
CA ASN E 76 20.87 -21.67 -5.43
C ASN E 76 20.98 -22.98 -6.20
N THR E 77 20.45 -24.07 -5.65
CA THR E 77 20.64 -25.39 -6.23
C THR E 77 19.32 -26.14 -6.22
N LEU E 78 19.14 -27.01 -7.20
CA LEU E 78 17.91 -27.75 -7.43
C LEU E 78 18.19 -29.24 -7.35
N PHE E 79 17.23 -30.00 -6.82
CA PHE E 79 17.47 -31.40 -6.42
C PHE E 79 16.25 -32.22 -6.84
N LEU E 80 16.38 -32.95 -7.95
CA LEU E 80 15.40 -33.97 -8.34
C LEU E 80 15.89 -35.31 -7.80
N GLN E 81 15.33 -35.74 -6.68
CA GLN E 81 15.58 -37.08 -6.14
C GLN E 81 14.61 -38.06 -6.77
N MET E 82 15.16 -39.11 -7.39
CA MET E 82 14.35 -40.15 -8.03
C MET E 82 14.39 -41.40 -7.17
N THR E 83 13.21 -41.95 -6.89
CA THR E 83 13.09 -43.21 -6.16
C THR E 83 12.48 -44.29 -7.05
N SER E 84 12.85 -45.55 -6.77
CA SER E 84 12.26 -46.72 -7.42
C SER E 84 12.33 -46.65 -8.94
N LEU E 85 13.34 -45.96 -9.49
CA LEU E 85 13.26 -45.48 -10.85
C LEU E 85 13.37 -46.64 -11.84
N ARG E 86 12.37 -46.74 -12.72
CA ARG E 86 12.17 -47.92 -13.56
C ARG E 86 12.78 -47.72 -14.94
N SER E 87 12.78 -48.80 -15.72
CA SER E 87 13.48 -48.82 -17.00
C SER E 87 12.97 -47.72 -17.93
N GLU E 88 11.66 -47.47 -17.93
CA GLU E 88 11.08 -46.39 -18.71
C GLU E 88 11.44 -44.99 -18.21
N ASP E 89 12.09 -44.88 -17.05
CA ASP E 89 12.64 -43.60 -16.59
C ASP E 89 14.03 -43.29 -17.16
N THR E 90 14.64 -44.19 -17.93
CA THR E 90 15.91 -43.85 -18.57
C THR E 90 15.69 -42.78 -19.62
N ALA E 91 16.45 -41.69 -19.51
CA ALA E 91 16.30 -40.54 -20.39
C ALA E 91 17.50 -39.63 -20.19
N MET E 92 17.68 -38.70 -21.13
CA MET E 92 18.37 -37.46 -20.85
C MET E 92 17.39 -36.47 -20.22
N TYR E 93 17.68 -36.08 -18.98
CA TYR E 93 16.90 -35.07 -18.27
C TYR E 93 17.44 -33.68 -18.57
N TYR E 94 16.55 -32.69 -18.46
CA TYR E 94 16.90 -31.30 -18.65
C TYR E 94 16.32 -30.46 -17.52
N CYS E 95 17.15 -29.60 -16.94
CA CYS E 95 16.68 -28.57 -16.02
C CYS E 95 16.24 -27.36 -16.83
N VAL E 96 15.02 -26.88 -16.57
CA VAL E 96 14.44 -25.80 -17.34
C VAL E 96 13.82 -24.78 -16.38
N ARG E 97 14.18 -23.52 -16.56
CA ARG E 97 13.66 -22.45 -15.72
C ARG E 97 12.34 -21.93 -16.28
N SER E 98 11.54 -21.33 -15.40
CA SER E 98 10.32 -20.69 -15.84
C SER E 98 9.98 -19.54 -14.89
N ILE E 99 9.25 -18.56 -15.43
CA ILE E 99 8.83 -17.38 -14.67
C ILE E 99 7.51 -16.94 -15.27
N TYR E 100 6.53 -16.63 -14.41
CA TYR E 100 5.15 -16.48 -14.86
C TYR E 100 4.60 -15.12 -14.45
N TYR E 101 4.43 -14.25 -15.45
CA TYR E 101 3.81 -12.95 -15.29
C TYR E 101 3.43 -12.50 -16.70
N TYR E 102 2.60 -11.45 -16.77
CA TYR E 102 2.17 -10.97 -18.08
C TYR E 102 3.40 -10.61 -18.93
N GLY E 103 3.49 -11.24 -20.10
CA GLY E 103 4.61 -11.00 -20.99
C GLY E 103 5.90 -11.69 -20.63
N SER E 104 5.87 -12.67 -19.73
CA SER E 104 7.07 -13.46 -19.46
C SER E 104 7.31 -14.49 -20.56
N SER E 105 8.54 -15.01 -20.61
CA SER E 105 8.93 -16.04 -21.57
C SER E 105 9.38 -17.31 -20.84
N PRO E 106 8.46 -18.14 -20.40
CA PRO E 106 8.84 -19.36 -19.67
C PRO E 106 9.44 -20.40 -20.62
N PHE E 107 10.24 -21.31 -20.04
CA PHE E 107 11.07 -22.25 -20.79
C PHE E 107 12.12 -21.55 -21.66
N ASP E 108 12.46 -20.30 -21.33
CA ASP E 108 13.44 -19.55 -22.13
C ASP E 108 14.83 -20.17 -22.07
N PHE E 109 15.28 -20.64 -20.90
CA PHE E 109 16.61 -21.21 -20.75
C PHE E 109 16.55 -22.66 -20.31
N TRP E 110 17.15 -23.54 -21.11
CA TRP E 110 17.26 -24.98 -20.86
C TRP E 110 18.72 -25.31 -20.62
N GLY E 111 19.01 -25.95 -19.49
CA GLY E 111 20.36 -26.39 -19.22
C GLY E 111 20.84 -27.46 -20.18
N GLN E 112 22.14 -27.77 -20.11
CA GLN E 112 22.76 -28.71 -21.03
C GLN E 112 22.38 -30.16 -20.78
N GLY E 113 21.59 -30.43 -19.74
CA GLY E 113 21.12 -31.78 -19.48
C GLY E 113 22.13 -32.64 -18.73
N THR E 114 21.66 -33.82 -18.33
CA THR E 114 22.51 -34.89 -17.81
C THR E 114 22.00 -36.23 -18.31
N THR E 115 22.90 -37.08 -18.79
CA THR E 115 22.52 -38.41 -19.23
C THR E 115 22.37 -39.33 -18.01
N LEU E 116 21.31 -40.12 -18.00
CA LEU E 116 21.10 -41.17 -16.99
C LEU E 116 20.74 -42.48 -17.67
N THR E 117 21.63 -43.46 -17.60
CA THR E 117 21.46 -44.73 -18.29
C THR E 117 21.05 -45.77 -17.25
N VAL E 118 19.79 -46.25 -17.28
CA VAL E 118 19.31 -47.29 -16.32
C VAL E 118 19.62 -48.67 -16.90
N SER E 119 20.63 -49.35 -16.33
CA SER E 119 21.05 -50.69 -16.81
C SER E 119 19.80 -51.54 -17.06
N ALA E 120 19.42 -51.74 -18.33
CA ALA E 120 18.19 -52.49 -18.64
C ALA E 120 18.20 -53.84 -17.91
N SER E 135 -4.55 -41.10 -19.18
CA SER E 135 -5.11 -40.16 -20.18
C SER E 135 -5.37 -38.81 -19.51
N ALA E 136 -6.58 -38.27 -19.67
CA ALA E 136 -6.93 -36.95 -19.10
C ALA E 136 -5.87 -35.88 -19.42
N ASP E 137 -5.34 -35.84 -20.65
CA ASP E 137 -4.30 -34.87 -20.93
C ASP E 137 -4.41 -34.41 -22.38
N ILE E 138 -3.64 -33.38 -22.71
CA ILE E 138 -3.62 -32.85 -24.08
C ILE E 138 -2.68 -33.70 -24.92
N VAL E 139 -3.20 -34.26 -26.01
CA VAL E 139 -2.40 -34.97 -27.00
C VAL E 139 -1.96 -33.96 -28.06
N MET E 140 -0.65 -33.86 -28.29
CA MET E 140 -0.11 -32.98 -29.32
C MET E 140 0.18 -33.83 -30.56
N THR E 141 -0.80 -33.87 -31.46
CA THR E 141 -0.74 -34.68 -32.68
C THR E 141 0.12 -33.94 -33.71
N GLN E 142 1.44 -34.01 -33.51
CA GLN E 142 2.37 -33.37 -34.43
C GLN E 142 2.41 -34.15 -35.75
N ALA E 143 1.97 -33.50 -36.83
CA ALA E 143 1.42 -34.20 -37.99
C ALA E 143 2.46 -35.02 -38.75
N THR E 144 3.75 -34.81 -38.50
CA THR E 144 4.77 -35.32 -39.40
C THR E 144 6.07 -35.51 -38.62
N SER E 145 6.80 -36.59 -38.93
CA SER E 145 8.04 -36.88 -38.22
C SER E 145 9.24 -36.13 -38.78
N SER E 146 9.32 -36.00 -40.11
CA SER E 146 10.46 -35.34 -40.73
C SER E 146 10.01 -34.57 -41.97
N VAL E 147 10.72 -33.49 -42.26
CA VAL E 147 10.55 -32.75 -43.50
C VAL E 147 11.92 -32.36 -44.04
N PRO E 148 12.17 -32.53 -45.35
CA PRO E 148 13.41 -32.02 -45.94
C PRO E 148 13.30 -30.56 -46.37
N VAL E 149 14.38 -29.82 -46.16
CA VAL E 149 14.42 -28.39 -46.47
C VAL E 149 15.82 -28.05 -46.95
N THR E 150 15.94 -26.89 -47.61
CA THR E 150 17.18 -26.33 -48.07
C THR E 150 17.30 -24.88 -47.61
N PRO E 151 18.53 -24.38 -47.45
CA PRO E 151 18.70 -22.95 -47.11
C PRO E 151 17.97 -22.03 -48.07
N GLY E 152 17.20 -21.10 -47.51
CA GLY E 152 16.38 -20.19 -48.28
C GLY E 152 15.03 -20.72 -48.68
N GLU E 153 14.72 -21.99 -48.41
CA GLU E 153 13.39 -22.52 -48.61
C GLU E 153 12.43 -21.94 -47.56
N SER E 154 11.18 -22.38 -47.64
CA SER E 154 10.17 -22.04 -46.64
C SER E 154 9.38 -23.29 -46.30
N VAL E 155 9.06 -23.46 -45.02
CA VAL E 155 8.47 -24.70 -44.53
C VAL E 155 7.43 -24.36 -43.47
N SER E 156 6.34 -25.12 -43.45
CA SER E 156 5.27 -24.96 -42.48
C SER E 156 5.21 -26.20 -41.60
N ILE E 157 5.46 -26.02 -40.30
CA ILE E 157 5.37 -27.11 -39.34
C ILE E 157 4.07 -26.94 -38.56
N SER E 158 3.35 -28.05 -38.36
CA SER E 158 2.00 -27.97 -37.83
C SER E 158 1.77 -29.03 -36.78
N CYS E 159 0.86 -28.74 -35.86
CA CYS E 159 0.40 -29.68 -34.85
C CYS E 159 -1.09 -29.46 -34.63
N ARG E 160 -1.77 -30.49 -34.13
CA ARG E 160 -3.09 -30.34 -33.55
C ARG E 160 -3.05 -30.66 -32.06
N SER E 161 -3.82 -29.90 -31.29
CA SER E 161 -4.06 -30.19 -29.88
C SER E 161 -5.43 -30.82 -29.70
N SER E 162 -5.50 -31.83 -28.82
CA SER E 162 -6.76 -32.47 -28.49
C SER E 162 -7.75 -31.52 -27.82
N LYS E 163 -7.33 -30.27 -27.59
CA LYS E 163 -8.19 -29.25 -27.00
C LYS E 163 -7.75 -27.90 -27.54
N SER E 164 -8.71 -26.97 -27.65
CA SER E 164 -8.38 -25.62 -28.06
C SER E 164 -7.59 -24.91 -26.96
N LEU E 165 -6.36 -24.52 -27.29
CA LEU E 165 -5.49 -23.79 -26.38
C LEU E 165 -5.86 -22.33 -26.23
N LEU E 166 -6.81 -21.83 -27.02
CA LEU E 166 -7.32 -20.48 -26.83
C LEU E 166 -8.18 -20.42 -25.56
N HIS E 167 -7.55 -20.09 -24.44
CA HIS E 167 -8.24 -20.00 -23.17
C HIS E 167 -9.16 -18.78 -23.15
N SER E 168 -9.98 -18.70 -22.09
CA SER E 168 -10.97 -17.64 -21.97
C SER E 168 -10.34 -16.25 -21.96
N ASN E 169 -9.07 -16.15 -21.54
CA ASN E 169 -8.40 -14.86 -21.52
C ASN E 169 -7.82 -14.45 -22.87
N GLY E 170 -7.85 -15.33 -23.86
CA GLY E 170 -7.36 -15.02 -25.19
C GLY E 170 -5.90 -15.32 -25.45
N ASN E 171 -5.19 -15.91 -24.49
CA ASN E 171 -3.90 -16.51 -24.78
C ASN E 171 -4.10 -17.86 -25.45
N THR E 172 -3.25 -18.16 -26.44
CA THR E 172 -3.08 -19.51 -26.94
C THR E 172 -1.78 -20.09 -26.38
N TYR E 173 -1.91 -20.98 -25.41
CA TYR E 173 -0.75 -21.55 -24.71
C TYR E 173 -0.06 -22.62 -25.57
N LEU E 174 0.38 -22.20 -26.75
CA LEU E 174 1.27 -23.00 -27.58
C LEU E 174 2.71 -22.48 -27.47
N TYR E 175 3.65 -23.42 -27.38
CA TYR E 175 5.06 -23.11 -27.34
C TYR E 175 5.80 -23.91 -28.41
N TRP E 176 6.87 -23.32 -28.94
CA TRP E 176 7.70 -23.98 -29.93
C TRP E 176 9.15 -23.92 -29.49
N PHE E 177 9.86 -25.03 -29.65
CA PHE E 177 11.27 -25.13 -29.32
C PHE E 177 12.03 -25.69 -30.52
N LEU E 178 13.29 -25.27 -30.66
CA LEU E 178 14.24 -25.90 -31.56
C LEU E 178 15.29 -26.59 -30.71
N GLN E 179 15.60 -27.85 -31.05
CA GLN E 179 16.77 -28.52 -30.51
C GLN E 179 17.76 -28.77 -31.65
N ARG E 180 18.86 -28.02 -31.64
CA ARG E 180 19.91 -28.22 -32.60
C ARG E 180 20.69 -29.49 -32.25
N PRO E 181 21.20 -30.22 -33.25
CA PRO E 181 21.89 -31.48 -32.96
C PRO E 181 23.07 -31.27 -32.02
N GLY E 182 23.08 -32.04 -30.94
CA GLY E 182 24.15 -31.97 -29.96
C GLY E 182 24.06 -30.85 -28.96
N GLN E 183 22.91 -30.21 -28.81
CA GLN E 183 22.72 -29.19 -27.80
C GLN E 183 21.31 -29.29 -27.23
N SER E 184 21.07 -28.56 -26.15
CA SER E 184 19.79 -28.57 -25.47
C SER E 184 18.76 -27.69 -26.18
N PRO E 185 17.47 -27.97 -26.00
CA PRO E 185 16.43 -27.19 -26.67
C PRO E 185 16.53 -25.70 -26.33
N GLN E 186 16.05 -24.87 -27.27
CA GLN E 186 15.98 -23.43 -27.07
C GLN E 186 14.59 -22.94 -27.44
N LEU E 187 14.06 -22.01 -26.64
CA LEU E 187 12.75 -21.45 -26.92
C LEU E 187 12.82 -20.56 -28.16
N LEU E 188 11.93 -20.82 -29.11
CA LEU E 188 11.74 -19.94 -30.26
C LEU E 188 10.55 -19.00 -30.08
N ILE E 189 9.37 -19.57 -29.83
CA ILE E 189 8.13 -18.81 -29.77
C ILE E 189 7.36 -19.23 -28.53
N TYR E 190 6.82 -18.25 -27.82
CA TYR E 190 5.94 -18.50 -26.67
C TYR E 190 4.57 -17.89 -26.91
N ARG E 191 3.56 -18.59 -26.40
CA ARG E 191 2.14 -18.28 -26.57
C ARG E 191 1.78 -17.93 -28.03
N MET E 192 2.13 -18.87 -28.91
CA MET E 192 1.83 -18.88 -30.34
C MET E 192 2.48 -17.79 -31.19
N SER E 193 2.59 -16.55 -30.69
CA SER E 193 3.02 -15.48 -31.58
C SER E 193 4.00 -14.50 -30.94
N ASN E 194 4.72 -14.90 -29.91
CA ASN E 194 5.76 -14.07 -29.30
C ASN E 194 7.10 -14.75 -29.47
N LEU E 195 8.10 -14.00 -29.94
CA LEU E 195 9.44 -14.54 -30.09
C LEU E 195 10.24 -14.32 -28.82
N ALA E 196 11.09 -15.30 -28.50
CA ALA E 196 12.00 -15.17 -27.37
C ALA E 196 13.14 -14.20 -27.70
N SER E 197 13.76 -13.69 -26.63
CA SER E 197 14.97 -12.87 -26.77
C SER E 197 16.06 -13.66 -27.47
N GLY E 198 16.68 -13.04 -28.48
CA GLY E 198 17.72 -13.71 -29.22
C GLY E 198 17.25 -14.62 -30.33
N VAL E 199 15.97 -14.60 -30.66
CA VAL E 199 15.43 -15.37 -31.77
C VAL E 199 15.32 -14.44 -32.98
N PRO E 200 15.88 -14.81 -34.14
CA PRO E 200 15.70 -14.00 -35.34
C PRO E 200 14.25 -13.70 -35.66
N ASP E 201 13.99 -12.46 -36.08
CA ASP E 201 12.65 -11.95 -36.34
C ASP E 201 11.98 -12.66 -37.51
N ARG E 202 12.70 -13.53 -38.22
CA ARG E 202 12.15 -14.28 -39.35
C ARG E 202 11.38 -15.53 -38.93
N PHE E 203 11.47 -15.94 -37.67
CA PHE E 203 10.48 -16.87 -37.13
C PHE E 203 9.17 -16.14 -36.88
N SER E 204 8.06 -16.82 -37.16
CA SER E 204 6.74 -16.21 -36.96
C SER E 204 5.70 -17.31 -36.83
N GLY E 205 4.98 -17.31 -35.71
CA GLY E 205 4.03 -18.35 -35.40
C GLY E 205 2.60 -17.83 -35.50
N SER E 206 1.67 -18.72 -35.81
CA SER E 206 0.28 -18.35 -35.95
C SER E 206 -0.58 -19.58 -35.78
N GLY E 207 -1.87 -19.36 -35.57
CA GLY E 207 -2.81 -20.46 -35.47
C GLY E 207 -4.20 -19.96 -35.11
N SER E 208 -5.14 -20.91 -35.12
CA SER E 208 -6.53 -20.64 -34.81
C SER E 208 -6.85 -20.82 -33.32
N GLY E 209 -5.88 -21.26 -32.53
CA GLY E 209 -6.12 -21.77 -31.19
C GLY E 209 -6.17 -23.28 -31.10
N THR E 210 -6.53 -23.95 -32.21
CA THR E 210 -6.58 -25.41 -32.23
C THR E 210 -5.77 -26.02 -33.37
N ALA E 211 -5.47 -25.28 -34.42
CA ALA E 211 -4.57 -25.70 -35.48
C ALA E 211 -3.53 -24.61 -35.70
N PHE E 212 -2.27 -25.02 -35.87
CA PHE E 212 -1.16 -24.09 -35.74
C PHE E 212 -0.14 -24.33 -36.85
N THR E 213 0.58 -23.26 -37.20
CA THR E 213 1.71 -23.34 -38.10
C THR E 213 2.87 -22.55 -37.52
N LEU E 214 4.07 -23.10 -37.61
CA LEU E 214 5.31 -22.33 -37.50
C LEU E 214 5.90 -22.14 -38.89
N THR E 215 6.07 -20.89 -39.29
CA THR E 215 6.81 -20.56 -40.50
C THR E 215 8.26 -20.23 -40.14
N ILE E 216 9.19 -20.78 -40.91
CA ILE E 216 10.60 -20.46 -40.76
C ILE E 216 11.04 -19.83 -42.08
N SER E 217 10.85 -18.53 -42.21
CA SER E 217 11.23 -17.81 -43.42
C SER E 217 12.73 -17.57 -43.45
N ARG E 218 13.24 -17.31 -44.66
CA ARG E 218 14.68 -17.10 -44.89
C ARG E 218 15.52 -18.16 -44.20
N LEU E 219 15.16 -19.44 -44.43
CA LEU E 219 15.70 -20.54 -43.67
C LEU E 219 17.23 -20.54 -43.68
N GLU E 220 17.82 -20.84 -42.53
CA GLU E 220 19.26 -20.74 -42.31
C GLU E 220 19.78 -22.09 -41.82
N ALA E 221 21.06 -22.35 -42.09
CA ALA E 221 21.68 -23.60 -41.63
C ALA E 221 21.69 -23.72 -40.11
N GLU E 222 21.51 -22.61 -39.39
CA GLU E 222 21.35 -22.65 -37.94
C GLU E 222 19.97 -23.14 -37.50
N ASP E 223 19.01 -23.24 -38.42
CA ASP E 223 17.67 -23.71 -38.11
C ASP E 223 17.54 -25.22 -38.09
N VAL E 224 18.58 -25.95 -38.50
CA VAL E 224 18.50 -27.41 -38.57
C VAL E 224 18.32 -27.99 -37.17
N GLY E 225 17.53 -29.05 -37.09
CA GLY E 225 17.36 -29.80 -35.86
C GLY E 225 15.95 -30.36 -35.78
N VAL E 226 15.55 -30.72 -34.56
CA VAL E 226 14.20 -31.17 -34.27
C VAL E 226 13.41 -30.05 -33.62
N TYR E 227 12.20 -29.80 -34.15
CA TYR E 227 11.31 -28.76 -33.64
C TYR E 227 10.21 -29.41 -32.83
N TYR E 228 10.09 -29.02 -31.56
CA TYR E 228 9.10 -29.57 -30.65
C TYR E 228 8.05 -28.51 -30.33
N CYS E 229 6.79 -28.84 -30.55
CA CYS E 229 5.68 -28.08 -30.01
C CYS E 229 5.40 -28.48 -28.56
N MET E 230 4.71 -27.59 -27.85
CA MET E 230 4.31 -27.87 -26.48
C MET E 230 3.08 -27.04 -26.14
N GLN E 231 2.27 -27.56 -25.22
CA GLN E 231 1.12 -26.85 -24.69
C GLN E 231 1.35 -26.52 -23.23
N HIS E 232 0.66 -25.47 -22.76
CA HIS E 232 0.71 -25.09 -21.36
C HIS E 232 -0.68 -24.80 -20.79
N LEU E 233 -1.74 -25.30 -21.45
CA LEU E 233 -3.08 -25.07 -20.94
C LEU E 233 -3.37 -25.93 -19.71
N GLU E 234 -2.87 -27.16 -19.69
CA GLU E 234 -3.06 -28.08 -18.58
C GLU E 234 -1.79 -28.89 -18.37
N TYR E 235 -1.44 -29.11 -17.11
CA TYR E 235 -0.50 -30.17 -16.79
C TYR E 235 -1.17 -31.54 -17.00
N PRO E 236 -0.43 -32.55 -17.46
CA PRO E 236 0.99 -32.59 -17.79
C PRO E 236 1.36 -31.85 -19.08
N LEU E 237 2.52 -31.21 -19.08
CA LEU E 237 2.97 -30.36 -20.19
C LEU E 237 3.47 -31.24 -21.33
N THR E 238 2.51 -31.88 -22.00
CA THR E 238 2.83 -32.84 -23.05
C THR E 238 3.49 -32.15 -24.23
N PHE E 239 4.63 -32.68 -24.66
CA PHE E 239 5.28 -32.27 -25.89
C PHE E 239 4.74 -33.07 -27.08
N GLY E 240 4.91 -32.51 -28.27
CA GLY E 240 4.77 -33.27 -29.48
C GLY E 240 5.94 -34.21 -29.70
N ALA E 241 5.80 -35.04 -30.75
CA ALA E 241 6.85 -35.98 -31.12
C ALA E 241 8.03 -35.33 -31.81
N GLY E 242 7.92 -34.07 -32.22
CA GLY E 242 9.03 -33.39 -32.85
C GLY E 242 9.12 -33.65 -34.34
N THR E 243 9.47 -32.63 -35.11
CA THR E 243 9.71 -32.75 -36.54
C THR E 243 11.16 -32.43 -36.84
N LYS E 244 11.86 -33.38 -37.45
CA LYS E 244 13.26 -33.19 -37.83
C LYS E 244 13.33 -32.46 -39.17
N LEU E 245 14.12 -31.40 -39.22
CA LEU E 245 14.40 -30.67 -40.46
C LEU E 245 15.77 -31.06 -40.98
N GLU E 246 15.81 -31.60 -42.20
CA GLU E 246 16.99 -32.24 -42.76
C GLU E 246 17.51 -31.39 -43.91
N LEU E 247 18.76 -30.93 -43.79
CA LEU E 247 19.30 -29.89 -44.67
C LEU E 247 19.95 -30.55 -45.87
N ASP F 1 -41.95 -26.66 40.52
CA ASP F 1 -40.67 -26.37 41.17
C ASP F 1 -39.98 -25.18 40.50
N TYS F 2 -39.34 -25.45 39.36
CA TYS F 2 -38.55 -24.46 38.65
CB TYS F 2 -39.45 -23.38 38.04
CG TYS F 2 -38.84 -22.85 36.77
CD1 TYS F 2 -37.96 -21.78 36.83
CD2 TYS F 2 -39.17 -23.41 35.55
CE1 TYS F 2 -37.39 -21.27 35.66
CE2 TYS F 2 -38.59 -22.90 34.38
CZ TYS F 2 -37.71 -21.84 34.44
OH TYS F 2 -37.15 -21.34 33.28
S TYS F 2 -35.72 -21.69 32.88
O1 TYS F 2 -34.68 -21.11 34.01
O2 TYS F 2 -35.40 -21.08 31.61
O3 TYS F 2 -35.57 -23.11 32.78
C TYS F 2 -37.51 -23.83 39.52
O TYS F 2 -37.49 -22.59 39.68
N MET F 3 -36.63 -24.64 40.10
CA MET F 3 -35.53 -24.13 40.88
C MET F 3 -34.27 -24.33 40.04
N GLY F 4 -33.68 -23.23 39.61
CA GLY F 4 -32.48 -23.29 38.81
C GLY F 4 -32.36 -22.05 37.97
N TRP F 5 -31.32 -22.05 37.13
CA TRP F 5 -31.15 -21.00 36.14
C TRP F 5 -30.08 -21.43 35.15
N MET F 6 -30.20 -20.97 33.92
CA MET F 6 -29.22 -21.32 32.91
C MET F 6 -27.87 -20.74 33.30
N ASP F 7 -26.81 -21.48 32.99
CA ASP F 7 -25.48 -21.15 33.51
C ASP F 7 -25.13 -19.68 33.28
N PHE F 8 -25.48 -19.14 32.11
CA PHE F 8 -25.29 -17.72 31.82
C PHE F 8 -26.48 -17.16 31.06
N PHE F 9 -27.68 -17.43 31.57
#